data_1K6Y
#
_entry.id   1K6Y
#
_cell.length_a   102.710
_cell.length_b   102.710
_cell.length_c   280.560
_cell.angle_alpha   90.00
_cell.angle_beta   90.00
_cell.angle_gamma   90.00
#
_symmetry.space_group_name_H-M   'P 43 21 2'
#
loop_
_entity.id
_entity.type
_entity.pdbx_description
1 polymer Integrase
2 non-polymer 'ZINC ION'
3 non-polymer 'POTASSIUM ION'
4 non-polymer 'PHOSPHATE ION'
5 water water
#
_entity_poly.entity_id   1
_entity_poly.type   'polypeptide(L)'
_entity_poly.pdbx_seq_one_letter_code
;FLDGIDKAQEEHEKYHSNWRAMASDFNLPPVVAKEIVASCDKCQLKGEAMHGQVDCSPGIWQLDCTHLEGKVILVAVHVA
SGYIEAEVIPAETGQETAYFLLKLAGRWPVKTVHTDNGSNFTSTTVKAACDWAGIKQEDGIPYNPQSQGVIESMNKELKK
IIGQVRDQAEHLKTAVQMAVFIHNKKRKGGIGGYSAGERIVDIIATDIQTKE
;
_entity_poly.pdbx_strand_id   A,B,C,D
#
loop_
_chem_comp.id
_chem_comp.type
_chem_comp.name
_chem_comp.formula
K non-polymer 'POTASSIUM ION' 'K 1'
PO4 non-polymer 'PHOSPHATE ION' 'O4 P -3'
ZN non-polymer 'ZINC ION' 'Zn 2'
#
# COMPACT_ATOMS: atom_id res chain seq x y z
N PHE A 1 -17.86 -6.39 -19.00
CA PHE A 1 -16.39 -6.66 -19.14
C PHE A 1 -16.13 -7.88 -20.00
N LEU A 2 -17.22 -8.44 -20.53
CA LEU A 2 -17.19 -9.57 -21.44
C LEU A 2 -17.50 -8.83 -22.73
N ASP A 3 -16.64 -7.86 -23.05
CA ASP A 3 -16.81 -6.99 -24.21
C ASP A 3 -17.81 -5.90 -23.83
N GLY A 4 -18.27 -5.96 -22.59
CA GLY A 4 -19.24 -4.99 -22.10
C GLY A 4 -18.90 -3.56 -22.46
N ILE A 5 -17.62 -3.24 -22.53
CA ILE A 5 -17.22 -1.87 -22.86
C ILE A 5 -17.55 -1.50 -24.29
N ASP A 6 -17.31 -2.40 -25.23
CA ASP A 6 -17.62 -2.11 -26.62
C ASP A 6 -19.12 -2.15 -26.89
N LYS A 7 -19.81 -3.13 -26.31
CA LYS A 7 -21.26 -3.22 -26.48
C LYS A 7 -21.90 -1.93 -25.96
N ALA A 8 -21.42 -1.47 -24.80
CA ALA A 8 -21.95 -0.26 -24.18
C ALA A 8 -21.66 0.99 -25.00
N GLN A 9 -20.47 1.09 -25.58
CA GLN A 9 -20.13 2.24 -26.38
C GLN A 9 -21.03 2.39 -27.60
N GLU A 10 -21.30 1.27 -28.27
CA GLU A 10 -22.16 1.30 -29.46
C GLU A 10 -23.57 1.74 -29.07
N GLU A 11 -24.05 1.16 -27.97
CA GLU A 11 -25.38 1.46 -27.44
C GLU A 11 -25.46 2.95 -27.15
N HIS A 12 -24.44 3.49 -26.50
CA HIS A 12 -24.42 4.90 -26.15
C HIS A 12 -24.26 5.79 -27.39
N GLU A 13 -23.49 5.28 -28.34
CA GLU A 13 -23.24 5.99 -29.59
C GLU A 13 -24.58 6.36 -30.22
N LYS A 14 -25.48 5.39 -30.31
CA LYS A 14 -26.80 5.57 -30.91
C LYS A 14 -27.82 6.26 -30.02
N TYR A 15 -28.03 5.74 -28.82
CA TYR A 15 -29.03 6.26 -27.90
C TYR A 15 -28.57 7.21 -26.80
N HIS A 16 -27.26 7.29 -26.57
CA HIS A 16 -26.69 8.16 -25.52
C HIS A 16 -27.29 7.86 -24.13
N SER A 17 -27.35 6.58 -23.77
CA SER A 17 -27.90 6.14 -22.49
C SER A 17 -27.02 6.59 -21.32
N ASN A 18 -27.64 7.02 -20.22
CA ASN A 18 -26.88 7.47 -19.06
C ASN A 18 -26.06 6.30 -18.50
N TRP A 19 -25.13 6.60 -17.60
CA TRP A 19 -24.27 5.55 -17.06
C TRP A 19 -24.96 4.47 -16.23
N ARG A 20 -25.98 4.84 -15.46
CA ARG A 20 -26.69 3.85 -14.64
C ARG A 20 -27.28 2.76 -15.52
N ALA A 21 -27.86 3.17 -16.64
CA ALA A 21 -28.45 2.24 -17.60
C ALA A 21 -27.38 1.35 -18.22
N MET A 22 -26.25 1.93 -18.60
CA MET A 22 -25.18 1.13 -19.19
C MET A 22 -24.52 0.22 -18.17
N ALA A 23 -24.38 0.70 -16.93
CA ALA A 23 -23.76 -0.12 -15.89
C ALA A 23 -24.61 -1.36 -15.66
N SER A 24 -25.92 -1.20 -15.61
CA SER A 24 -26.82 -2.31 -15.36
C SER A 24 -26.94 -3.23 -16.57
N ASP A 25 -27.17 -2.66 -17.75
CA ASP A 25 -27.33 -3.45 -18.96
C ASP A 25 -26.13 -4.31 -19.38
N PHE A 26 -24.93 -3.74 -19.32
CA PHE A 26 -23.75 -4.48 -19.75
C PHE A 26 -22.83 -5.00 -18.64
N ASN A 27 -23.30 -4.93 -17.39
CA ASN A 27 -22.52 -5.42 -16.27
C ASN A 27 -21.14 -4.76 -16.20
N LEU A 28 -21.12 -3.43 -16.21
CA LEU A 28 -19.86 -2.71 -16.14
C LEU A 28 -19.80 -2.01 -14.80
N PRO A 29 -18.60 -1.94 -14.19
CA PRO A 29 -18.58 -1.23 -12.90
C PRO A 29 -18.87 0.23 -13.21
N PRO A 30 -19.58 0.92 -12.31
CA PRO A 30 -19.91 2.33 -12.49
C PRO A 30 -18.80 3.22 -13.05
N VAL A 31 -17.58 3.08 -12.53
CA VAL A 31 -16.46 3.90 -13.01
C VAL A 31 -16.30 3.77 -14.52
N VAL A 32 -16.47 2.56 -15.05
CA VAL A 32 -16.34 2.34 -16.48
C VAL A 32 -17.48 3.01 -17.22
N ALA A 33 -18.71 2.70 -16.83
CA ALA A 33 -19.88 3.28 -17.46
C ALA A 33 -19.85 4.80 -17.49
N LYS A 34 -19.43 5.42 -16.38
CA LYS A 34 -19.38 6.87 -16.31
C LYS A 34 -18.36 7.46 -17.26
N GLU A 35 -17.25 6.76 -17.46
CA GLU A 35 -16.21 7.24 -18.37
C GLU A 35 -16.73 7.31 -19.78
N ILE A 36 -17.64 6.39 -20.13
CA ILE A 36 -18.21 6.39 -21.47
C ILE A 36 -19.04 7.65 -21.65
N VAL A 37 -19.84 7.99 -20.64
CA VAL A 37 -20.64 9.20 -20.73
C VAL A 37 -19.71 10.40 -20.81
N ALA A 38 -18.60 10.30 -20.09
CA ALA A 38 -17.60 11.36 -20.07
C ALA A 38 -17.01 11.56 -21.47
N SER A 39 -16.60 10.47 -22.09
CA SER A 39 -16.02 10.53 -23.44
C SER A 39 -16.97 11.03 -24.52
N CYS A 40 -18.25 11.16 -24.20
CA CYS A 40 -19.17 11.64 -25.22
C CYS A 40 -19.28 13.15 -25.19
N ASP A 41 -19.24 13.73 -26.39
CA ASP A 41 -19.31 15.17 -26.59
C ASP A 41 -20.73 15.71 -26.34
N LYS A 42 -21.71 14.97 -26.82
CA LYS A 42 -23.11 15.36 -26.70
C LYS A 42 -23.76 15.08 -25.35
N CYS A 43 -22.97 14.72 -24.34
CA CYS A 43 -23.53 14.42 -23.02
C CYS A 43 -22.88 15.08 -21.81
N GLN A 44 -23.33 14.65 -20.63
CA GLN A 44 -22.87 15.15 -19.34
C GLN A 44 -23.25 14.13 -18.27
N LEU A 45 -22.53 14.12 -17.15
CA LEU A 45 -22.84 13.18 -16.07
C LEU A 45 -23.86 13.73 -15.07
N LYS A 46 -24.45 12.82 -14.28
CA LYS A 46 -25.43 13.16 -13.25
C LYS A 46 -25.20 12.34 -11.99
N CYS A 56 -24.84 14.87 -5.80
CA CYS A 56 -24.44 15.04 -4.42
C CYS A 56 -23.18 14.24 -4.11
N SER A 57 -22.20 14.90 -3.46
CA SER A 57 -20.95 14.25 -3.07
C SER A 57 -21.27 13.05 -2.18
N PRO A 58 -20.55 11.94 -2.38
CA PRO A 58 -20.77 10.74 -1.59
C PRO A 58 -20.30 10.88 -0.16
N GLY A 59 -19.85 12.07 0.21
CA GLY A 59 -19.39 12.29 1.56
C GLY A 59 -20.28 13.23 2.35
N ILE A 60 -21.41 13.61 1.75
CA ILE A 60 -22.36 14.53 2.38
C ILE A 60 -23.46 13.82 3.16
N TRP A 61 -23.65 14.22 4.40
CA TRP A 61 -24.68 13.63 5.25
C TRP A 61 -25.56 14.69 5.90
N GLN A 62 -26.80 14.30 6.20
CA GLN A 62 -27.75 15.18 6.88
C GLN A 62 -28.15 14.51 8.19
N LEU A 63 -28.09 15.29 9.26
CA LEU A 63 -28.44 14.78 10.59
C LEU A 63 -29.55 15.61 11.21
N ASP A 64 -30.41 14.95 11.96
CA ASP A 64 -31.50 15.63 12.63
C ASP A 64 -32.20 14.71 13.62
N CYS A 65 -32.89 15.29 14.59
CA CYS A 65 -33.63 14.51 15.56
C CYS A 65 -35.11 14.54 15.23
N THR A 66 -35.80 13.44 15.54
CA THR A 66 -37.23 13.35 15.31
C THR A 66 -37.76 12.78 16.61
N HIS A 67 -39.07 12.94 16.85
CA HIS A 67 -39.65 12.46 18.10
C HIS A 67 -40.85 11.56 17.93
N LEU A 68 -40.93 10.55 18.79
CA LEU A 68 -42.01 9.59 18.72
C LEU A 68 -42.18 8.97 20.09
N GLU A 69 -43.42 8.82 20.55
CA GLU A 69 -43.70 8.24 21.86
C GLU A 69 -42.93 8.94 22.97
N GLY A 70 -42.72 10.24 22.82
CA GLY A 70 -42.00 10.98 23.83
C GLY A 70 -40.52 10.64 23.90
N LYS A 71 -40.02 9.97 22.86
CA LYS A 71 -38.61 9.60 22.83
C LYS A 71 -37.88 10.35 21.72
N VAL A 72 -36.56 10.43 21.83
CA VAL A 72 -35.77 11.14 20.83
C VAL A 72 -35.03 10.17 19.91
N ILE A 73 -35.14 10.43 18.61
CA ILE A 73 -34.48 9.60 17.63
C ILE A 73 -33.54 10.45 16.81
N LEU A 74 -32.28 10.04 16.74
CA LEU A 74 -31.27 10.74 15.98
C LEU A 74 -31.21 10.03 14.63
N VAL A 75 -31.26 10.80 13.55
CA VAL A 75 -31.25 10.23 12.21
C VAL A 75 -30.16 10.85 11.34
N ALA A 76 -29.49 9.99 10.58
CA ALA A 76 -28.43 10.39 9.68
C ALA A 76 -28.82 9.88 8.31
N VAL A 77 -28.72 10.73 7.30
CA VAL A 77 -29.08 10.32 5.96
C VAL A 77 -27.96 10.56 4.97
N HIS A 78 -27.56 9.49 4.28
CA HIS A 78 -26.54 9.62 3.28
C HIS A 78 -27.29 10.12 2.05
N VAL A 79 -27.23 11.44 1.84
CA VAL A 79 -27.92 12.10 0.75
C VAL A 79 -27.84 11.44 -0.63
N ALA A 80 -26.63 11.12 -1.09
CA ALA A 80 -26.48 10.52 -2.41
C ALA A 80 -27.22 9.18 -2.60
N SER A 81 -27.34 8.39 -1.54
CA SER A 81 -27.98 7.09 -1.65
C SER A 81 -29.33 6.95 -0.96
N GLY A 82 -29.58 7.79 0.05
CA GLY A 82 -30.83 7.68 0.76
C GLY A 82 -30.69 6.62 1.86
N TYR A 83 -29.47 6.19 2.12
CA TYR A 83 -29.22 5.19 3.15
C TYR A 83 -29.39 5.88 4.50
N ILE A 84 -30.06 5.20 5.42
CA ILE A 84 -30.30 5.76 6.73
C ILE A 84 -29.64 5.00 7.86
N GLU A 85 -29.40 5.72 8.95
CA GLU A 85 -28.80 5.20 10.16
C GLU A 85 -29.53 6.00 11.22
N ALA A 86 -30.22 5.33 12.14
CA ALA A 86 -30.98 6.02 13.17
C ALA A 86 -30.91 5.30 14.50
N GLU A 87 -31.00 6.07 15.58
CA GLU A 87 -30.95 5.50 16.93
C GLU A 87 -31.80 6.29 17.91
N VAL A 88 -32.38 5.57 18.86
CA VAL A 88 -33.15 6.21 19.91
C VAL A 88 -32.09 6.55 20.94
N ILE A 89 -31.88 7.85 21.18
CA ILE A 89 -30.90 8.28 22.16
C ILE A 89 -31.60 8.70 23.45
N PRO A 90 -30.96 8.47 24.59
CA PRO A 90 -31.51 8.81 25.90
C PRO A 90 -31.77 10.30 26.17
N ALA A 91 -31.13 11.18 25.41
CA ALA A 91 -31.33 12.61 25.61
C ALA A 91 -30.83 13.45 24.45
N GLU A 92 -31.60 14.48 24.08
CA GLU A 92 -31.16 15.36 23.00
C GLU A 92 -30.01 16.24 23.48
N THR A 93 -28.84 15.66 23.69
CA THR A 93 -27.70 16.46 24.12
C THR A 93 -26.56 16.38 23.12
N GLY A 94 -25.71 17.40 23.13
CA GLY A 94 -24.60 17.42 22.22
C GLY A 94 -23.72 16.20 22.42
N GLN A 95 -23.61 15.77 23.67
CA GLN A 95 -22.81 14.61 24.03
C GLN A 95 -23.30 13.36 23.31
N GLU A 96 -24.60 13.09 23.43
CA GLU A 96 -25.20 11.92 22.77
C GLU A 96 -25.02 12.04 21.27
N THR A 97 -25.24 13.23 20.74
CA THR A 97 -25.08 13.47 19.31
C THR A 97 -23.63 13.26 18.85
N ALA A 98 -22.69 13.75 19.66
CA ALA A 98 -21.27 13.62 19.35
C ALA A 98 -20.86 12.15 19.30
N TYR A 99 -21.33 11.39 20.28
CA TYR A 99 -21.04 9.97 20.36
C TYR A 99 -21.54 9.30 19.08
N PHE A 100 -22.78 9.64 18.70
CA PHE A 100 -23.42 9.12 17.51
C PHE A 100 -22.64 9.45 16.24
N LEU A 101 -22.09 10.67 16.17
CA LEU A 101 -21.31 11.10 15.01
C LEU A 101 -20.01 10.31 14.88
N LEU A 102 -19.29 10.14 15.99
CA LEU A 102 -18.05 9.39 15.98
C LEU A 102 -18.28 8.00 15.42
N LYS A 103 -19.33 7.34 15.89
CA LYS A 103 -19.62 5.99 15.42
C LYS A 103 -19.92 6.00 13.93
N LEU A 104 -20.76 6.94 13.51
CA LEU A 104 -21.10 7.04 12.10
C LEU A 104 -19.82 7.24 11.30
N ALA A 105 -19.03 8.21 11.74
CA ALA A 105 -17.79 8.55 11.06
C ALA A 105 -16.79 7.39 10.99
N GLY A 106 -16.90 6.46 11.93
CA GLY A 106 -15.99 5.33 11.95
C GLY A 106 -16.32 4.27 10.93
N ARG A 107 -17.53 4.32 10.37
CA ARG A 107 -17.90 3.31 9.39
C ARG A 107 -18.05 3.83 7.98
N TRP A 108 -18.37 5.12 7.84
CA TRP A 108 -18.52 5.71 6.52
C TRP A 108 -17.62 6.92 6.35
N PRO A 109 -17.28 7.26 5.10
CA PRO A 109 -16.41 8.40 4.78
C PRO A 109 -17.16 9.72 4.96
N VAL A 110 -17.53 10.06 6.20
CA VAL A 110 -18.25 11.29 6.45
C VAL A 110 -17.32 12.48 6.24
N LYS A 111 -17.64 13.32 5.25
CA LYS A 111 -16.82 14.49 4.95
C LYS A 111 -17.45 15.76 5.48
N THR A 112 -18.73 15.97 5.18
CA THR A 112 -19.41 17.15 5.67
C THR A 112 -20.82 16.77 6.08
N VAL A 113 -21.28 17.35 7.19
CA VAL A 113 -22.60 17.08 7.71
C VAL A 113 -23.46 18.33 7.73
N HIS A 114 -24.65 18.24 7.14
CA HIS A 114 -25.58 19.36 7.11
C HIS A 114 -26.55 19.18 8.26
N THR A 115 -26.70 20.22 9.07
CA THR A 115 -27.59 20.16 10.21
C THR A 115 -28.22 21.53 10.46
N ASP A 116 -29.15 21.60 11.41
CA ASP A 116 -29.77 22.87 11.75
C ASP A 116 -28.84 23.61 12.71
N ASN A 117 -29.15 24.86 13.02
CA ASN A 117 -28.32 25.65 13.92
C ASN A 117 -28.83 25.67 15.35
N GLY A 118 -29.43 24.56 15.79
CA GLY A 118 -29.96 24.50 17.13
C GLY A 118 -28.92 24.29 18.22
N SER A 119 -29.42 24.26 19.45
CA SER A 119 -28.61 24.05 20.63
C SER A 119 -27.76 22.78 20.56
N ASN A 120 -28.41 21.67 20.20
CA ASN A 120 -27.72 20.39 20.14
C ASN A 120 -26.64 20.27 19.05
N PHE A 121 -27.03 20.44 17.79
CA PHE A 121 -26.08 20.30 16.70
C PHE A 121 -25.04 21.41 16.61
N THR A 122 -25.26 22.48 17.34
CA THR A 122 -24.35 23.61 17.30
C THR A 122 -23.48 23.63 18.57
N SER A 123 -23.73 22.68 19.46
CA SER A 123 -22.98 22.58 20.70
C SER A 123 -21.48 22.40 20.49
N THR A 124 -20.71 22.74 21.52
CA THR A 124 -19.25 22.63 21.48
C THR A 124 -18.81 21.17 21.42
N THR A 125 -19.59 20.29 22.03
CA THR A 125 -19.27 18.88 22.04
C THR A 125 -19.34 18.32 20.62
N VAL A 126 -20.41 18.65 19.91
CA VAL A 126 -20.56 18.16 18.55
C VAL A 126 -19.40 18.73 17.72
N LYS A 127 -19.09 20.01 17.90
CA LYS A 127 -17.99 20.63 17.15
C LYS A 127 -16.68 19.90 17.42
N ALA A 128 -16.47 19.49 18.67
CA ALA A 128 -15.25 18.78 19.04
C ALA A 128 -15.15 17.46 18.28
N ALA A 129 -16.27 16.74 18.22
CA ALA A 129 -16.32 15.46 17.54
C ALA A 129 -15.97 15.66 16.07
N CYS A 130 -16.70 16.57 15.42
CA CYS A 130 -16.45 16.86 14.02
C CYS A 130 -14.99 17.20 13.78
N ASP A 131 -14.41 18.08 14.61
CA ASP A 131 -13.02 18.45 14.43
C ASP A 131 -12.14 17.22 14.51
N TRP A 132 -12.36 16.41 15.54
CA TRP A 132 -11.58 15.21 15.72
C TRP A 132 -11.67 14.32 14.49
N ALA A 133 -12.90 14.05 14.05
CA ALA A 133 -13.17 13.20 12.89
C ALA A 133 -12.87 13.82 11.52
N GLY A 134 -12.56 15.11 11.49
CA GLY A 134 -12.29 15.73 10.20
C GLY A 134 -13.57 15.95 9.41
N ILE A 135 -14.67 16.17 10.12
CA ILE A 135 -15.95 16.41 9.50
C ILE A 135 -16.24 17.91 9.50
N LYS A 136 -16.49 18.49 8.34
CA LYS A 136 -16.80 19.91 8.33
C LYS A 136 -18.32 20.05 8.39
N GLN A 137 -18.78 21.01 9.18
CA GLN A 137 -20.20 21.25 9.33
C GLN A 137 -20.64 22.39 8.43
N GLU A 138 -21.47 22.08 7.44
CA GLU A 138 -21.98 23.09 6.53
C GLU A 138 -23.31 23.54 7.10
N ASP A 139 -23.71 22.85 8.16
CA ASP A 139 -24.93 23.13 8.89
C ASP A 139 -26.04 23.67 7.99
N GLY A 149 -37.44 18.61 1.46
CA GLY A 149 -36.79 18.25 2.72
C GLY A 149 -36.40 16.79 2.76
N VAL A 150 -35.13 16.51 2.46
CA VAL A 150 -34.64 15.15 2.46
C VAL A 150 -34.82 14.47 3.82
N ILE A 151 -34.86 15.28 4.88
CA ILE A 151 -35.04 14.76 6.23
C ILE A 151 -36.53 14.62 6.57
N GLU A 152 -37.33 15.58 6.13
CA GLU A 152 -38.76 15.52 6.39
C GLU A 152 -39.34 14.28 5.73
N SER A 153 -38.73 13.89 4.61
CA SER A 153 -39.18 12.71 3.87
C SER A 153 -38.78 11.45 4.61
N MET A 154 -37.52 11.37 5.01
CA MET A 154 -37.01 10.22 5.74
C MET A 154 -37.70 10.05 7.08
N ASN A 155 -37.86 11.16 7.79
CA ASN A 155 -38.53 11.14 9.08
C ASN A 155 -39.88 10.48 8.94
N LYS A 156 -40.67 10.95 7.98
CA LYS A 156 -41.99 10.41 7.77
C LYS A 156 -42.02 9.01 7.18
N GLU A 157 -41.04 8.67 6.36
CA GLU A 157 -41.01 7.32 5.82
C GLU A 157 -40.58 6.36 6.93
N LEU A 158 -39.62 6.80 7.75
CA LEU A 158 -39.14 5.99 8.86
C LEU A 158 -40.25 5.80 9.88
N LYS A 159 -40.98 6.86 10.18
CA LYS A 159 -42.08 6.77 11.13
C LYS A 159 -43.16 5.84 10.60
N LYS A 160 -43.35 5.85 9.29
CA LYS A 160 -44.35 4.99 8.69
C LYS A 160 -43.92 3.51 8.79
N ILE A 161 -42.64 3.23 8.52
CA ILE A 161 -42.16 1.87 8.62
C ILE A 161 -42.25 1.42 10.07
N ILE A 162 -41.89 2.30 11.00
CA ILE A 162 -41.98 1.97 12.42
C ILE A 162 -43.44 1.70 12.74
N GLY A 163 -44.30 2.46 12.09
CA GLY A 163 -45.72 2.29 12.29
C GLY A 163 -46.12 0.89 11.87
N GLN A 164 -45.75 0.52 10.66
CA GLN A 164 -46.12 -0.80 10.18
C GLN A 164 -45.37 -1.97 10.79
N VAL A 165 -44.55 -1.73 11.81
CA VAL A 165 -43.81 -2.83 12.40
C VAL A 165 -43.74 -2.77 13.92
N ARG A 166 -44.28 -1.69 14.48
CA ARG A 166 -44.26 -1.43 15.92
C ARG A 166 -44.69 -2.56 16.82
N ASP A 167 -45.71 -3.31 16.41
CA ASP A 167 -46.19 -4.40 17.25
C ASP A 167 -45.30 -5.65 17.24
N GLN A 168 -44.17 -5.59 16.55
CA GLN A 168 -43.26 -6.73 16.50
C GLN A 168 -42.20 -6.61 17.58
N ALA A 169 -42.23 -5.50 18.29
CA ALA A 169 -41.27 -5.23 19.34
C ALA A 169 -41.91 -4.46 20.49
N GLU A 170 -41.50 -4.78 21.71
CA GLU A 170 -42.02 -4.10 22.88
C GLU A 170 -41.48 -2.69 22.99
N HIS A 171 -40.15 -2.57 22.91
CA HIS A 171 -39.50 -1.28 23.01
C HIS A 171 -39.31 -0.62 21.65
N LEU A 172 -39.52 0.69 21.60
CA LEU A 172 -39.37 1.48 20.39
C LEU A 172 -38.00 1.32 19.75
N LYS A 173 -36.96 1.25 20.60
CA LYS A 173 -35.58 1.09 20.17
C LYS A 173 -35.45 0.06 19.07
N THR A 174 -35.99 -1.12 19.37
CA THR A 174 -35.93 -2.25 18.46
C THR A 174 -36.77 -1.99 17.23
N ALA A 175 -37.95 -1.40 17.43
CA ALA A 175 -38.83 -1.09 16.32
C ALA A 175 -38.07 -0.20 15.36
N VAL A 176 -37.41 0.81 15.93
CA VAL A 176 -36.62 1.75 15.14
C VAL A 176 -35.56 1.00 14.33
N GLN A 177 -34.80 0.12 14.99
CA GLN A 177 -33.78 -0.63 14.28
C GLN A 177 -34.39 -1.53 13.21
N MET A 178 -35.56 -2.10 13.48
CA MET A 178 -36.23 -2.92 12.47
C MET A 178 -36.60 -2.04 11.26
N ALA A 179 -37.03 -0.81 11.55
CA ALA A 179 -37.43 0.13 10.50
C ALA A 179 -36.23 0.52 9.63
N VAL A 180 -35.07 0.73 10.26
CA VAL A 180 -33.87 1.09 9.53
C VAL A 180 -33.50 -0.07 8.63
N PHE A 181 -33.57 -1.28 9.19
CA PHE A 181 -33.25 -2.49 8.44
C PHE A 181 -34.14 -2.60 7.19
N ILE A 182 -35.45 -2.47 7.38
CA ILE A 182 -36.39 -2.56 6.27
C ILE A 182 -36.11 -1.47 5.23
N HIS A 183 -35.91 -0.25 5.70
CA HIS A 183 -35.65 0.85 4.80
C HIS A 183 -34.40 0.69 3.94
N ASN A 184 -33.31 0.20 4.52
CA ASN A 184 -32.07 0.06 3.78
C ASN A 184 -31.94 -1.22 2.97
N LYS A 185 -32.72 -2.25 3.30
CA LYS A 185 -32.60 -3.51 2.59
C LYS A 185 -33.85 -4.13 1.96
N LYS A 186 -35.04 -3.66 2.34
CA LYS A 186 -36.25 -4.26 1.79
C LYS A 186 -37.14 -3.33 0.97
N ARG A 187 -36.59 -2.21 0.53
CA ARG A 187 -37.34 -1.26 -0.28
C ARG A 187 -36.47 -0.99 -1.51
N LYS A 188 -36.75 -1.68 -2.61
CA LYS A 188 -35.92 -1.50 -3.81
C LYS A 188 -36.55 -0.69 -4.93
N GLY A 189 -35.72 -0.23 -5.85
CA GLY A 189 -36.20 0.57 -6.96
C GLY A 189 -35.08 1.03 -7.87
N GLY A 190 -35.43 1.82 -8.88
CA GLY A 190 -34.42 2.33 -9.78
C GLY A 190 -33.97 1.33 -10.82
N ILE A 191 -33.11 1.77 -11.73
CA ILE A 191 -32.61 0.94 -12.81
C ILE A 191 -32.08 -0.42 -12.40
N GLY A 192 -31.16 -0.43 -11.43
CA GLY A 192 -30.61 -1.70 -11.01
C GLY A 192 -31.46 -2.43 -9.99
N GLY A 193 -32.56 -1.81 -9.56
CA GLY A 193 -33.41 -2.43 -8.57
C GLY A 193 -32.62 -2.67 -7.28
N TYR A 194 -31.78 -1.69 -6.94
CA TYR A 194 -30.96 -1.76 -5.74
C TYR A 194 -31.69 -1.26 -4.51
N SER A 195 -31.17 -1.61 -3.34
CA SER A 195 -31.74 -1.15 -2.07
C SER A 195 -30.86 0.05 -1.70
N ALA A 196 -31.30 0.86 -0.74
CA ALA A 196 -30.51 2.01 -0.31
C ALA A 196 -29.17 1.53 0.25
N GLY A 197 -29.19 0.38 0.91
CA GLY A 197 -27.97 -0.15 1.50
C GLY A 197 -26.94 -0.51 0.45
N GLU A 198 -27.40 -1.01 -0.69
CA GLU A 198 -26.49 -1.39 -1.77
C GLU A 198 -26.02 -0.13 -2.49
N ARG A 199 -26.86 0.89 -2.55
CA ARG A 199 -26.49 2.13 -3.20
C ARG A 199 -25.34 2.86 -2.50
N ILE A 200 -25.41 2.98 -1.18
CA ILE A 200 -24.33 3.66 -0.48
C ILE A 200 -23.03 2.88 -0.68
N VAL A 201 -23.09 1.56 -0.48
CA VAL A 201 -21.90 0.73 -0.67
C VAL A 201 -21.34 0.85 -2.08
N ASP A 202 -22.23 0.96 -3.07
CA ASP A 202 -21.80 1.06 -4.47
C ASP A 202 -21.18 2.43 -4.78
N ILE A 203 -21.86 3.49 -4.33
CA ILE A 203 -21.41 4.86 -4.52
C ILE A 203 -20.03 5.09 -3.91
N ILE A 204 -19.82 4.55 -2.71
CA ILE A 204 -18.54 4.71 -2.04
C ILE A 204 -17.44 3.85 -2.67
N ALA A 205 -17.76 2.60 -3.02
CA ALA A 205 -16.76 1.73 -3.66
C ALA A 205 -16.34 2.41 -4.96
N THR A 206 -17.31 2.97 -5.68
CA THR A 206 -17.02 3.66 -6.94
C THR A 206 -16.12 4.87 -6.68
N ASP A 207 -16.45 5.64 -5.65
CA ASP A 207 -15.66 6.79 -5.29
C ASP A 207 -14.19 6.36 -5.03
N ILE A 208 -14.00 5.24 -4.34
CA ILE A 208 -12.65 4.74 -4.07
C ILE A 208 -11.94 4.47 -5.41
N GLN A 209 -12.71 4.08 -6.42
CA GLN A 209 -12.16 3.78 -7.74
C GLN A 209 -11.58 4.99 -8.48
N THR A 210 -11.92 6.21 -8.04
CA THR A 210 -11.43 7.41 -8.73
C THR A 210 -10.34 8.21 -8.00
N PHE B 1 -7.30 5.15 -18.75
CA PHE B 1 -8.63 5.17 -19.41
C PHE B 1 -8.52 5.79 -20.80
N LEU B 2 -7.53 6.68 -20.95
CA LEU B 2 -7.26 7.35 -22.23
C LEU B 2 -6.57 6.28 -23.06
N ASP B 3 -7.33 5.26 -23.45
CA ASP B 3 -6.79 4.15 -24.20
C ASP B 3 -5.72 3.49 -23.32
N GLY B 4 -5.82 3.73 -22.02
CA GLY B 4 -4.90 3.15 -21.06
C GLY B 4 -5.08 1.65 -20.95
N ILE B 5 -6.33 1.19 -21.04
CA ILE B 5 -6.61 -0.25 -20.96
C ILE B 5 -5.78 -0.95 -22.02
N ASP B 6 -5.68 -0.28 -23.16
CA ASP B 6 -4.92 -0.76 -24.31
C ASP B 6 -3.44 -0.95 -23.97
N LYS B 7 -2.82 0.11 -23.46
CA LYS B 7 -1.41 0.06 -23.10
C LYS B 7 -1.16 -0.93 -21.98
N ALA B 8 -2.01 -0.89 -20.95
CA ALA B 8 -1.87 -1.76 -19.79
C ALA B 8 -1.93 -3.22 -20.18
N GLN B 9 -2.85 -3.52 -21.10
CA GLN B 9 -3.06 -4.87 -21.58
C GLN B 9 -1.83 -5.36 -22.33
N GLU B 10 -1.22 -4.45 -23.08
CA GLU B 10 -0.03 -4.75 -23.85
C GLU B 10 1.11 -5.07 -22.88
N GLU B 11 1.37 -4.15 -21.96
CA GLU B 11 2.43 -4.35 -20.99
C GLU B 11 2.22 -5.63 -20.20
N HIS B 12 0.97 -5.96 -19.93
CA HIS B 12 0.69 -7.16 -19.16
C HIS B 12 1.09 -8.44 -19.88
N GLU B 13 0.92 -8.47 -21.20
CA GLU B 13 1.27 -9.67 -21.96
C GLU B 13 2.75 -9.97 -21.78
N LYS B 14 3.54 -8.92 -21.68
CA LYS B 14 4.98 -9.01 -21.52
C LYS B 14 5.41 -9.22 -20.06
N TYR B 15 5.03 -8.29 -19.18
CA TYR B 15 5.41 -8.36 -17.76
C TYR B 15 4.48 -9.08 -16.80
N HIS B 16 3.21 -9.21 -17.18
CA HIS B 16 2.23 -9.86 -16.31
C HIS B 16 2.21 -9.12 -14.99
N SER B 17 2.10 -7.81 -15.13
CA SER B 17 2.08 -6.88 -14.02
C SER B 17 0.88 -7.01 -13.10
N ASN B 18 1.17 -6.73 -11.84
CA ASN B 18 0.26 -6.69 -10.70
C ASN B 18 -0.88 -5.72 -11.07
N TRP B 19 -2.06 -5.90 -10.48
CA TRP B 19 -3.16 -4.97 -10.79
C TRP B 19 -2.84 -3.60 -10.19
N ARG B 20 -2.17 -3.60 -9.04
CA ARG B 20 -1.79 -2.35 -8.36
C ARG B 20 -0.83 -1.57 -9.26
N ALA B 21 0.08 -2.29 -9.90
CA ALA B 21 1.05 -1.69 -10.81
C ALA B 21 0.40 -1.10 -12.07
N MET B 22 -0.49 -1.85 -12.71
CA MET B 22 -1.13 -1.35 -13.91
C MET B 22 -2.05 -0.18 -13.61
N ALA B 23 -2.70 -0.23 -12.45
CA ALA B 23 -3.61 0.85 -12.07
C ALA B 23 -2.80 2.14 -11.91
N SER B 24 -1.65 2.02 -11.24
CA SER B 24 -0.77 3.14 -11.00
C SER B 24 -0.02 3.59 -12.25
N ASP B 25 0.61 2.63 -12.93
CA ASP B 25 1.39 2.91 -14.12
C ASP B 25 0.59 3.41 -15.32
N PHE B 26 -0.68 3.04 -15.43
CA PHE B 26 -1.49 3.48 -16.57
C PHE B 26 -2.71 4.31 -16.21
N ASN B 27 -2.80 4.74 -14.95
CA ASN B 27 -3.90 5.56 -14.46
C ASN B 27 -5.26 4.97 -14.75
N LEU B 28 -5.44 3.72 -14.39
CA LEU B 28 -6.70 3.03 -14.62
C LEU B 28 -7.32 2.75 -13.27
N PRO B 29 -8.66 2.77 -13.20
CA PRO B 29 -9.26 2.47 -11.89
C PRO B 29 -8.90 1.04 -11.54
N PRO B 30 -8.65 0.76 -10.27
CA PRO B 30 -8.30 -0.62 -9.90
C PRO B 30 -9.20 -1.72 -10.42
N VAL B 31 -10.49 -1.47 -10.57
CA VAL B 31 -11.37 -2.52 -11.05
C VAL B 31 -11.06 -2.92 -12.51
N VAL B 32 -10.68 -1.94 -13.33
CA VAL B 32 -10.32 -2.20 -14.71
C VAL B 32 -9.00 -2.97 -14.74
N ALA B 33 -8.05 -2.52 -13.93
CA ALA B 33 -6.74 -3.17 -13.87
C ALA B 33 -6.89 -4.62 -13.43
N LYS B 34 -7.73 -4.84 -12.43
CA LYS B 34 -7.95 -6.19 -11.92
C LYS B 34 -8.54 -7.08 -13.00
N GLU B 35 -9.33 -6.50 -13.89
CA GLU B 35 -9.93 -7.23 -14.98
C GLU B 35 -8.89 -7.72 -15.97
N ILE B 36 -7.87 -6.90 -16.23
CA ILE B 36 -6.80 -7.28 -17.13
C ILE B 36 -6.13 -8.54 -16.58
N VAL B 37 -5.87 -8.55 -15.29
CA VAL B 37 -5.24 -9.72 -14.68
C VAL B 37 -6.19 -10.91 -14.77
N ALA B 38 -7.48 -10.68 -14.61
CA ALA B 38 -8.46 -11.77 -14.69
C ALA B 38 -8.55 -12.33 -16.11
N SER B 39 -8.33 -11.48 -17.11
CA SER B 39 -8.41 -11.92 -18.49
C SER B 39 -7.21 -12.78 -18.86
N CYS B 40 -6.05 -12.43 -18.32
CA CYS B 40 -4.83 -13.17 -18.61
C CYS B 40 -4.94 -14.59 -18.13
N ASP B 41 -4.64 -15.54 -19.01
CA ASP B 41 -4.74 -16.94 -18.64
C ASP B 41 -3.47 -17.48 -17.99
N LYS B 42 -2.52 -16.60 -17.69
CA LYS B 42 -1.29 -17.02 -17.04
C LYS B 42 -1.21 -16.53 -15.61
N CYS B 43 -2.22 -15.77 -15.17
CA CYS B 43 -2.25 -15.24 -13.82
C CYS B 43 -3.56 -15.55 -13.10
N GLN B 44 -3.75 -14.92 -11.95
CA GLN B 44 -4.94 -15.08 -11.11
C GLN B 44 -4.87 -14.09 -9.95
N LEU B 45 -5.98 -13.43 -9.67
CA LEU B 45 -6.03 -12.45 -8.59
C LEU B 45 -5.82 -13.02 -7.18
N LYS B 46 -5.11 -12.24 -6.36
CA LYS B 46 -4.80 -12.61 -4.99
C LYS B 46 -4.33 -11.38 -4.18
N CYS B 56 -12.67 -16.00 2.36
CA CYS B 56 -13.77 -15.95 3.31
C CYS B 56 -15.01 -15.33 2.68
N SER B 57 -16.19 -15.88 3.00
CA SER B 57 -17.46 -15.37 2.48
C SER B 57 -17.70 -13.96 3.03
N PRO B 58 -18.14 -13.03 2.18
CA PRO B 58 -18.40 -11.64 2.56
C PRO B 58 -19.53 -11.45 3.55
N GLY B 59 -20.22 -12.54 3.89
CA GLY B 59 -21.31 -12.42 4.83
C GLY B 59 -21.02 -12.95 6.22
N ILE B 60 -19.78 -13.38 6.46
CA ILE B 60 -19.40 -13.91 7.76
C ILE B 60 -18.84 -12.87 8.72
N TRP B 61 -19.43 -12.80 9.90
CA TRP B 61 -18.98 -11.87 10.93
C TRP B 61 -18.68 -12.63 12.21
N GLN B 62 -17.77 -12.08 13.01
CA GLN B 62 -17.44 -12.68 14.27
C GLN B 62 -17.73 -11.67 15.37
N LEU B 63 -18.38 -12.14 16.42
CA LEU B 63 -18.73 -11.31 17.57
C LEU B 63 -18.10 -11.88 18.83
N ASP B 64 -17.79 -11.00 19.77
CA ASP B 64 -17.20 -11.40 21.03
C ASP B 64 -17.23 -10.24 22.02
N CYS B 65 -17.18 -10.56 23.30
CA CYS B 65 -17.15 -9.55 24.34
C CYS B 65 -15.78 -9.49 24.96
N THR B 66 -15.27 -8.28 25.09
CA THR B 66 -13.97 -8.07 25.67
C THR B 66 -14.16 -7.07 26.83
N HIS B 67 -13.21 -7.03 27.75
CA HIS B 67 -13.35 -6.15 28.89
C HIS B 67 -12.18 -5.20 29.10
N LEU B 68 -12.52 -4.00 29.55
CA LEU B 68 -11.54 -2.94 29.79
C LEU B 68 -12.12 -1.98 30.82
N GLU B 69 -11.27 -1.54 31.76
CA GLU B 69 -11.67 -0.58 32.77
C GLU B 69 -13.01 -0.86 33.43
N GLY B 70 -13.30 -2.14 33.66
CA GLY B 70 -14.55 -2.50 34.30
C GLY B 70 -15.79 -2.33 33.45
N LYS B 71 -15.60 -2.26 32.14
CA LYS B 71 -16.71 -2.12 31.23
C LYS B 71 -16.72 -3.25 30.21
N VAL B 72 -17.85 -3.41 29.53
CA VAL B 72 -18.01 -4.46 28.55
C VAL B 72 -18.02 -3.89 27.12
N ILE B 73 -17.22 -4.49 26.25
CA ILE B 73 -17.18 -4.02 24.86
C ILE B 73 -17.53 -5.15 23.91
N LEU B 74 -18.62 -4.97 23.18
CA LEU B 74 -19.10 -5.94 22.20
C LEU B 74 -18.43 -5.56 20.89
N VAL B 75 -17.72 -6.51 20.30
CA VAL B 75 -17.00 -6.26 19.06
C VAL B 75 -17.45 -7.16 17.92
N ALA B 76 -17.61 -6.59 16.73
CA ALA B 76 -18.02 -7.38 15.58
C ALA B 76 -16.95 -7.18 14.50
N VAL B 77 -16.49 -8.28 13.94
CA VAL B 77 -15.46 -8.23 12.90
C VAL B 77 -15.94 -8.83 11.59
N HIS B 78 -15.77 -8.08 10.50
CA HIS B 78 -16.13 -8.58 9.19
C HIS B 78 -14.88 -9.36 8.77
N VAL B 79 -14.97 -10.68 8.94
CA VAL B 79 -13.85 -11.57 8.67
C VAL B 79 -13.06 -11.34 7.38
N ALA B 80 -13.75 -11.14 6.27
CA ALA B 80 -13.05 -10.95 4.99
C ALA B 80 -12.32 -9.62 4.86
N SER B 81 -12.80 -8.58 5.51
CA SER B 81 -12.20 -7.25 5.37
C SER B 81 -11.34 -6.76 6.52
N GLY B 82 -11.71 -7.14 7.73
CA GLY B 82 -10.99 -6.66 8.89
C GLY B 82 -11.76 -5.46 9.43
N TYR B 83 -12.87 -5.14 8.78
CA TYR B 83 -13.70 -4.02 9.21
C TYR B 83 -14.29 -4.31 10.59
N ILE B 84 -14.18 -3.35 11.50
CA ILE B 84 -14.68 -3.53 12.84
C ILE B 84 -15.82 -2.60 13.19
N GLU B 85 -16.59 -3.04 14.17
CA GLU B 85 -17.70 -2.27 14.71
C GLU B 85 -17.71 -2.72 16.17
N ALA B 86 -17.72 -1.77 17.09
CA ALA B 86 -17.71 -2.08 18.50
C ALA B 86 -18.53 -1.12 19.33
N GLU B 87 -18.89 -1.53 20.53
CA GLU B 87 -19.72 -0.70 21.38
C GLU B 87 -19.63 -1.10 22.85
N VAL B 88 -19.62 -0.10 23.72
CA VAL B 88 -19.59 -0.33 25.15
C VAL B 88 -21.04 -0.60 25.53
N ILE B 89 -21.32 -1.76 26.13
CA ILE B 89 -22.68 -2.05 26.51
C ILE B 89 -22.78 -2.12 28.01
N PRO B 90 -23.95 -1.78 28.58
CA PRO B 90 -24.22 -1.79 30.02
C PRO B 90 -23.81 -3.08 30.71
N ALA B 91 -24.16 -4.20 30.08
CA ALA B 91 -23.84 -5.50 30.62
C ALA B 91 -23.85 -6.56 29.53
N GLU B 92 -23.17 -7.66 29.82
CA GLU B 92 -23.05 -8.79 28.90
C GLU B 92 -24.34 -9.63 28.90
N THR B 93 -25.39 -9.12 28.25
CA THR B 93 -26.68 -9.82 28.20
C THR B 93 -27.19 -10.01 26.77
N GLY B 94 -28.09 -10.95 26.60
CA GLY B 94 -28.65 -11.24 25.29
C GLY B 94 -29.39 -10.05 24.71
N GLN B 95 -30.08 -9.30 25.57
CA GLN B 95 -30.82 -8.13 25.11
C GLN B 95 -29.88 -7.14 24.43
N GLU B 96 -28.77 -6.83 25.11
CA GLU B 96 -27.80 -5.90 24.55
C GLU B 96 -27.19 -6.47 23.28
N THR B 97 -26.87 -7.77 23.29
CA THR B 97 -26.29 -8.41 22.12
C THR B 97 -27.27 -8.37 20.94
N ALA B 98 -28.53 -8.74 21.19
CA ALA B 98 -29.55 -8.74 20.16
C ALA B 98 -29.71 -7.36 19.51
N TYR B 99 -29.81 -6.34 20.36
CA TYR B 99 -29.96 -4.97 19.88
C TYR B 99 -28.76 -4.60 18.99
N PHE B 100 -27.57 -4.90 19.48
CA PHE B 100 -26.33 -4.64 18.75
C PHE B 100 -26.36 -5.33 17.38
N LEU B 101 -26.74 -6.60 17.38
CA LEU B 101 -26.83 -7.39 16.17
C LEU B 101 -27.82 -6.79 15.18
N LEU B 102 -28.95 -6.35 15.73
CA LEU B 102 -29.99 -5.75 14.91
C LEU B 102 -29.48 -4.50 14.20
N LYS B 103 -28.74 -3.65 14.91
CA LYS B 103 -28.21 -2.45 14.31
C LYS B 103 -27.22 -2.81 13.22
N LEU B 104 -26.36 -3.79 13.52
CA LEU B 104 -25.35 -4.23 12.56
C LEU B 104 -26.01 -4.69 11.26
N ALA B 105 -27.01 -5.55 11.39
CA ALA B 105 -27.73 -6.13 10.26
C ALA B 105 -28.43 -5.15 9.30
N GLY B 106 -28.96 -4.07 9.82
CA GLY B 106 -29.64 -3.12 8.94
C GLY B 106 -28.60 -2.29 8.20
N ARG B 107 -27.35 -2.43 8.63
CA ARG B 107 -26.23 -1.67 8.08
C ARG B 107 -25.46 -2.46 7.02
N TRP B 108 -25.18 -3.74 7.29
CA TRP B 108 -24.43 -4.57 6.34
C TRP B 108 -25.16 -5.87 6.07
N PRO B 109 -24.79 -6.56 4.99
CA PRO B 109 -25.44 -7.83 4.66
C PRO B 109 -24.91 -8.98 5.52
N VAL B 110 -25.35 -9.02 6.77
CA VAL B 110 -24.91 -10.07 7.71
C VAL B 110 -25.65 -11.39 7.49
N LYS B 111 -24.94 -12.41 7.02
CA LYS B 111 -25.59 -13.69 6.79
C LYS B 111 -25.25 -14.76 7.82
N THR B 112 -24.00 -14.77 8.28
CA THR B 112 -23.59 -15.74 9.27
C THR B 112 -22.78 -15.06 10.35
N VAL B 113 -23.01 -15.48 11.59
CA VAL B 113 -22.31 -14.90 12.73
C VAL B 113 -21.64 -16.00 13.55
N HIS B 114 -20.38 -15.79 13.92
CA HIS B 114 -19.64 -16.77 14.74
C HIS B 114 -19.32 -16.19 16.11
N THR B 115 -19.68 -16.92 17.17
CA THR B 115 -19.46 -16.47 18.53
C THR B 115 -18.93 -17.58 19.41
N ASP B 116 -18.53 -17.22 20.63
CA ASP B 116 -17.94 -18.16 21.57
C ASP B 116 -18.89 -18.99 22.44
N ASN B 117 -20.19 -18.89 22.19
CA ASN B 117 -21.16 -19.66 22.97
C ASN B 117 -21.51 -19.07 24.35
N GLY B 118 -20.98 -17.90 24.66
CA GLY B 118 -21.33 -17.28 25.94
C GLY B 118 -22.84 -17.27 26.09
N SER B 119 -23.36 -17.24 27.33
CA SER B 119 -24.82 -17.25 27.55
C SER B 119 -25.53 -16.14 26.79
N ASN B 120 -24.81 -15.05 26.54
CA ASN B 120 -25.42 -13.95 25.84
C ASN B 120 -25.64 -14.26 24.37
N PHE B 121 -24.71 -14.99 23.75
CA PHE B 121 -24.83 -15.34 22.33
C PHE B 121 -25.74 -16.55 22.13
N THR B 122 -25.98 -17.29 23.21
CA THR B 122 -26.82 -18.47 23.16
C THR B 122 -28.26 -18.15 23.55
N SER B 123 -28.46 -16.98 24.16
CA SER B 123 -29.78 -16.54 24.63
C SER B 123 -30.88 -16.59 23.57
N THR B 124 -32.11 -16.81 24.05
CA THR B 124 -33.25 -16.88 23.16
C THR B 124 -33.52 -15.51 22.52
N THR B 125 -33.15 -14.45 23.23
CA THR B 125 -33.36 -13.11 22.71
C THR B 125 -32.49 -12.87 21.49
N VAL B 126 -31.25 -13.32 21.53
CA VAL B 126 -30.35 -13.14 20.39
C VAL B 126 -30.85 -14.06 19.28
N LYS B 127 -31.29 -15.25 19.65
CA LYS B 127 -31.80 -16.22 18.69
C LYS B 127 -33.01 -15.60 17.95
N ALA B 128 -33.87 -14.88 18.68
CA ALA B 128 -35.05 -14.25 18.09
C ALA B 128 -34.60 -13.12 17.15
N ALA B 129 -33.56 -12.41 17.56
CA ALA B 129 -33.04 -11.31 16.76
C ALA B 129 -32.51 -11.86 15.44
N CYS B 130 -31.69 -12.91 15.53
CA CYS B 130 -31.13 -13.53 14.33
C CYS B 130 -32.20 -14.10 13.40
N ASP B 131 -33.25 -14.69 13.96
CA ASP B 131 -34.32 -15.25 13.14
C ASP B 131 -35.00 -14.12 12.37
N TRP B 132 -35.26 -13.03 13.07
CA TRP B 132 -35.94 -11.90 12.49
C TRP B 132 -35.11 -11.33 11.35
N ALA B 133 -33.85 -11.05 11.62
CA ALA B 133 -32.97 -10.47 10.60
C ALA B 133 -32.37 -11.50 9.64
N GLY B 134 -32.83 -12.74 9.70
CA GLY B 134 -32.32 -13.76 8.81
C GLY B 134 -30.82 -13.96 8.89
N ILE B 135 -30.32 -14.25 10.09
CA ILE B 135 -28.90 -14.48 10.32
C ILE B 135 -28.70 -15.86 10.91
N LYS B 136 -27.76 -16.61 10.35
CA LYS B 136 -27.48 -17.94 10.86
C LYS B 136 -26.37 -17.86 11.92
N GLN B 137 -26.55 -18.63 12.99
CA GLN B 137 -25.60 -18.67 14.10
C GLN B 137 -24.78 -19.95 14.08
N GLU B 138 -23.51 -19.84 14.48
CA GLU B 138 -22.62 -21.00 14.51
C GLU B 138 -21.53 -20.84 15.56
N ASP B 139 -20.75 -21.91 15.72
CA ASP B 139 -19.63 -21.95 16.67
C ASP B 139 -20.12 -22.18 18.10
N GLY B 149 -9.41 -17.12 15.78
CA GLY B 149 -8.18 -16.37 15.96
C GLY B 149 -8.34 -14.92 15.55
N VAL B 150 -9.26 -14.66 14.62
CA VAL B 150 -9.52 -13.31 14.13
C VAL B 150 -10.03 -12.42 15.24
N ILE B 151 -11.01 -12.92 15.99
CA ILE B 151 -11.60 -12.18 17.10
C ILE B 151 -10.55 -11.82 18.15
N GLU B 152 -9.87 -12.84 18.66
CA GLU B 152 -8.84 -12.66 19.67
C GLU B 152 -7.82 -11.60 19.26
N SER B 153 -7.14 -11.86 18.15
CA SER B 153 -6.14 -10.95 17.64
C SER B 153 -6.67 -9.52 17.50
N MET B 154 -7.91 -9.42 17.05
CA MET B 154 -8.56 -8.13 16.86
C MET B 154 -8.83 -7.35 18.14
N ASN B 155 -9.29 -8.04 19.18
CA ASN B 155 -9.55 -7.39 20.45
C ASN B 155 -8.25 -6.78 20.96
N LYS B 156 -7.15 -7.46 20.68
CA LYS B 156 -5.83 -7.01 21.09
C LYS B 156 -5.47 -5.71 20.37
N GLU B 157 -5.61 -5.71 19.05
CA GLU B 157 -5.30 -4.52 18.25
C GLU B 157 -6.18 -3.34 18.67
N LEU B 158 -7.45 -3.59 18.95
CA LEU B 158 -8.34 -2.52 19.35
C LEU B 158 -7.91 -1.97 20.72
N LYS B 159 -7.71 -2.86 21.69
CA LYS B 159 -7.29 -2.46 23.05
C LYS B 159 -6.02 -1.63 23.00
N LYS B 160 -5.15 -1.96 22.05
CA LYS B 160 -3.90 -1.25 21.89
C LYS B 160 -4.17 0.18 21.41
N ILE B 161 -5.03 0.33 20.41
CA ILE B 161 -5.33 1.65 19.90
C ILE B 161 -6.04 2.45 20.97
N ILE B 162 -6.91 1.78 21.72
CA ILE B 162 -7.64 2.45 22.79
C ILE B 162 -6.63 3.06 23.76
N GLY B 163 -5.58 2.31 24.05
CA GLY B 163 -4.57 2.81 24.96
C GLY B 163 -3.88 4.04 24.43
N GLN B 164 -3.55 4.03 23.15
CA GLN B 164 -2.86 5.16 22.53
C GLN B 164 -3.71 6.42 22.57
N VAL B 165 -5.03 6.23 22.52
CA VAL B 165 -5.97 7.35 22.47
C VAL B 165 -6.74 7.71 23.75
N ARG B 166 -6.79 6.78 24.70
CA ARG B 166 -7.50 6.98 25.96
C ARG B 166 -7.48 8.42 26.49
N ASP B 167 -6.30 9.03 26.48
CA ASP B 167 -6.11 10.40 26.95
C ASP B 167 -7.03 11.43 26.32
N GLN B 168 -7.33 11.28 25.03
CA GLN B 168 -8.17 12.25 24.35
C GLN B 168 -9.63 12.22 24.72
N ALA B 169 -10.03 11.29 25.58
CA ALA B 169 -11.43 11.20 25.97
C ALA B 169 -11.60 11.05 27.47
N GLU B 170 -12.72 11.56 27.98
CA GLU B 170 -13.02 11.46 29.40
C GLU B 170 -13.49 10.04 29.65
N HIS B 171 -14.56 9.66 28.95
CA HIS B 171 -15.18 8.34 29.09
C HIS B 171 -14.65 7.32 28.08
N LEU B 172 -14.51 6.07 28.55
CA LEU B 172 -14.01 4.99 27.72
C LEU B 172 -14.81 4.74 26.44
N LYS B 173 -16.12 4.96 26.48
CA LYS B 173 -16.94 4.73 25.30
C LYS B 173 -16.50 5.59 24.13
N THR B 174 -16.04 6.81 24.42
CA THR B 174 -15.58 7.68 23.36
C THR B 174 -14.24 7.18 22.83
N ALA B 175 -13.36 6.76 23.73
CA ALA B 175 -12.06 6.25 23.33
C ALA B 175 -12.28 5.04 22.42
N VAL B 176 -13.16 4.14 22.86
CA VAL B 176 -13.46 2.95 22.07
C VAL B 176 -13.83 3.35 20.63
N GLN B 177 -14.72 4.32 20.49
CA GLN B 177 -15.16 4.74 19.16
C GLN B 177 -14.04 5.40 18.34
N MET B 178 -13.10 6.06 19.01
CA MET B 178 -12.00 6.68 18.29
C MET B 178 -11.12 5.55 17.77
N ALA B 179 -10.98 4.51 18.58
CA ALA B 179 -10.17 3.36 18.23
C ALA B 179 -10.77 2.61 17.03
N VAL B 180 -12.09 2.54 16.98
CA VAL B 180 -12.75 1.86 15.87
C VAL B 180 -12.48 2.69 14.62
N PHE B 181 -12.69 3.99 14.73
CA PHE B 181 -12.48 4.94 13.64
C PHE B 181 -11.06 4.81 13.08
N ILE B 182 -10.08 4.82 14.00
CA ILE B 182 -8.68 4.73 13.60
C ILE B 182 -8.43 3.40 12.91
N HIS B 183 -8.89 2.31 13.50
CA HIS B 183 -8.69 0.98 12.90
C HIS B 183 -9.27 0.84 11.49
N ASN B 184 -10.51 1.28 11.29
CA ASN B 184 -11.18 1.17 10.00
C ASN B 184 -10.68 2.13 8.92
N LYS B 185 -10.21 3.30 9.34
CA LYS B 185 -9.80 4.31 8.39
C LYS B 185 -8.34 4.74 8.35
N LYS B 186 -7.63 4.61 9.47
CA LYS B 186 -6.26 5.09 9.54
C LYS B 186 -5.16 4.04 9.68
N ARG B 187 -5.47 2.80 9.38
CA ARG B 187 -4.46 1.74 9.43
C ARG B 187 -4.59 1.04 8.08
N LYS B 188 -3.72 1.40 7.15
CA LYS B 188 -3.77 0.82 5.81
C LYS B 188 -2.71 -0.24 5.58
N GLY B 189 -2.82 -0.93 4.46
CA GLY B 189 -1.88 -1.99 4.13
C GLY B 189 -2.45 -2.95 3.10
N GLY B 190 -1.75 -4.06 2.88
CA GLY B 190 -2.19 -5.03 1.91
C GLY B 190 -1.76 -4.61 0.51
N ILE B 191 -2.01 -5.47 -0.46
CA ILE B 191 -1.65 -5.21 -1.84
C ILE B 191 -2.25 -3.91 -2.38
N GLY B 192 -3.46 -3.58 -1.94
CA GLY B 192 -4.10 -2.37 -2.42
C GLY B 192 -3.81 -1.13 -1.60
N GLY B 193 -3.21 -1.31 -0.43
CA GLY B 193 -2.92 -0.16 0.42
C GLY B 193 -4.20 0.50 0.91
N TYR B 194 -5.24 -0.29 1.10
CA TYR B 194 -6.52 0.22 1.59
C TYR B 194 -6.66 0.05 3.09
N SER B 195 -7.69 0.68 3.65
CA SER B 195 -8.00 0.54 5.06
C SER B 195 -9.11 -0.51 5.09
N ALA B 196 -9.36 -1.10 6.26
CA ALA B 196 -10.42 -2.11 6.34
C ALA B 196 -11.77 -1.51 5.92
N GLY B 197 -11.98 -0.24 6.24
CA GLY B 197 -13.21 0.44 5.87
C GLY B 197 -13.37 0.49 4.36
N GLU B 198 -12.29 0.79 3.64
CA GLU B 198 -12.35 0.84 2.19
C GLU B 198 -12.50 -0.58 1.63
N ARG B 199 -11.89 -1.58 2.28
CA ARG B 199 -11.99 -2.96 1.80
C ARG B 199 -13.40 -3.55 1.88
N ILE B 200 -14.07 -3.39 3.02
CA ILE B 200 -15.41 -3.95 3.15
C ILE B 200 -16.34 -3.40 2.06
N VAL B 201 -16.25 -2.11 1.78
CA VAL B 201 -17.08 -1.50 0.74
C VAL B 201 -16.75 -2.12 -0.62
N ASP B 202 -15.50 -2.49 -0.83
CA ASP B 202 -15.10 -3.11 -2.08
C ASP B 202 -15.63 -4.54 -2.15
N ILE B 203 -15.41 -5.30 -1.08
CA ILE B 203 -15.85 -6.68 -1.03
C ILE B 203 -17.36 -6.80 -1.21
N ILE B 204 -18.10 -5.94 -0.52
CA ILE B 204 -19.54 -5.98 -0.63
C ILE B 204 -20.08 -5.42 -1.94
N ALA B 205 -19.56 -4.28 -2.39
CA ALA B 205 -20.03 -3.72 -3.67
C ALA B 205 -19.82 -4.75 -4.78
N THR B 206 -18.68 -5.44 -4.75
CA THR B 206 -18.35 -6.46 -5.74
C THR B 206 -19.30 -7.64 -5.61
N ASP B 207 -19.57 -8.07 -4.38
CA ASP B 207 -20.46 -9.19 -4.17
C ASP B 207 -21.87 -8.89 -4.68
N ILE B 208 -22.12 -7.62 -4.97
CA ILE B 208 -23.43 -7.22 -5.49
C ILE B 208 -23.39 -7.40 -7.00
N GLN B 209 -22.43 -6.72 -7.65
CA GLN B 209 -22.29 -6.80 -9.10
C GLN B 209 -22.33 -8.23 -9.61
N THR B 210 -21.49 -9.10 -9.07
CA THR B 210 -21.46 -10.49 -9.49
C THR B 210 -22.85 -11.09 -9.39
N LYS B 211 -23.59 -10.69 -8.36
CA LYS B 211 -24.95 -11.17 -8.15
C LYS B 211 -25.95 -10.38 -9.01
N GLU B 212 -25.44 -9.75 -10.07
CA GLU B 212 -26.28 -8.98 -10.99
C GLU B 212 -25.81 -9.15 -12.44
N PHE C 1 16.94 17.05 15.59
CA PHE C 1 15.54 16.57 15.53
C PHE C 1 14.78 16.93 16.79
N LEU C 2 15.57 17.14 17.85
CA LEU C 2 15.06 17.56 19.16
C LEU C 2 14.97 19.08 19.00
N ASP C 3 14.00 19.52 18.17
CA ASP C 3 13.80 20.93 17.88
C ASP C 3 15.02 21.46 17.14
N GLY C 4 15.82 20.54 16.65
CA GLY C 4 17.03 20.88 15.92
C GLY C 4 16.68 21.51 14.58
N ILE C 5 15.53 21.15 14.03
CA ILE C 5 15.12 21.72 12.76
C ILE C 5 14.97 23.21 12.94
N ASP C 6 14.42 23.59 14.09
CA ASP C 6 14.20 24.98 14.43
C ASP C 6 15.52 25.73 14.60
N LYS C 7 16.42 25.15 15.40
CA LYS C 7 17.72 25.77 15.62
C LYS C 7 18.44 25.94 14.27
N ALA C 8 18.62 24.83 13.57
CA ALA C 8 19.29 24.85 12.27
C ALA C 8 18.79 25.98 11.38
N GLN C 9 17.48 26.11 11.26
CA GLN C 9 16.90 27.15 10.42
C GLN C 9 17.27 28.54 10.90
N GLU C 10 17.24 28.73 12.21
CA GLU C 10 17.56 30.02 12.78
C GLU C 10 18.99 30.37 12.37
N GLU C 11 19.90 29.44 12.61
CA GLU C 11 21.30 29.67 12.27
C GLU C 11 21.52 29.93 10.79
N HIS C 12 20.76 29.26 9.93
CA HIS C 12 20.91 29.41 8.50
C HIS C 12 20.53 30.80 8.01
N GLU C 13 19.49 31.38 8.62
CA GLU C 13 19.06 32.71 8.22
C GLU C 13 20.19 33.70 8.50
N LYS C 14 21.13 33.26 9.33
CA LYS C 14 22.27 34.06 9.74
C LYS C 14 23.55 33.71 8.95
N TYR C 15 23.95 32.43 8.98
CA TYR C 15 25.16 31.96 8.31
C TYR C 15 24.95 31.34 6.94
N HIS C 16 23.73 30.94 6.64
CA HIS C 16 23.44 30.28 5.36
C HIS C 16 24.37 29.08 5.27
N SER C 17 24.33 28.28 6.33
CA SER C 17 25.14 27.09 6.47
C SER C 17 24.87 26.02 5.41
N ASN C 18 25.95 25.39 5.02
CA ASN C 18 26.01 24.29 4.06
C ASN C 18 25.09 23.19 4.65
N TRP C 19 24.55 22.29 3.82
CA TRP C 19 23.69 21.25 4.39
C TRP C 19 24.47 20.25 5.25
N ARG C 20 25.70 19.95 4.86
CA ARG C 20 26.51 19.01 5.64
C ARG C 20 26.78 19.60 7.02
N ALA C 21 27.01 20.92 7.07
CA ALA C 21 27.27 21.62 8.32
C ALA C 21 26.08 21.51 9.27
N MET C 22 24.89 21.84 8.77
CA MET C 22 23.70 21.78 9.60
C MET C 22 23.37 20.35 10.05
N ALA C 23 23.49 19.39 9.13
CA ALA C 23 23.21 17.99 9.47
C ALA C 23 24.13 17.58 10.60
N SER C 24 25.37 18.05 10.51
CA SER C 24 26.40 17.75 11.49
C SER C 24 26.26 18.54 12.81
N ASP C 25 26.09 19.86 12.70
CA ASP C 25 25.99 20.70 13.89
C ASP C 25 24.69 20.55 14.67
N PHE C 26 23.60 20.20 14.01
CA PHE C 26 22.35 20.07 14.73
C PHE C 26 21.80 18.65 14.78
N ASN C 27 22.65 17.69 14.42
CA ASN C 27 22.27 16.28 14.43
C ASN C 27 20.93 16.06 13.76
N LEU C 28 20.88 16.43 12.49
CA LEU C 28 19.70 16.28 11.67
C LEU C 28 20.02 15.36 10.53
N PRO C 29 19.03 14.64 9.99
CA PRO C 29 19.35 13.76 8.87
C PRO C 29 19.63 14.65 7.67
N PRO C 30 20.59 14.25 6.82
CA PRO C 30 20.91 15.07 5.65
C PRO C 30 19.72 15.56 4.81
N VAL C 31 18.71 14.72 4.62
CA VAL C 31 17.56 15.15 3.83
C VAL C 31 16.84 16.33 4.48
N VAL C 32 16.83 16.38 5.80
CA VAL C 32 16.17 17.49 6.50
C VAL C 32 17.03 18.75 6.31
N ALA C 33 18.34 18.59 6.43
CA ALA C 33 19.26 19.69 6.28
C ALA C 33 19.19 20.27 4.86
N LYS C 34 19.04 19.41 3.87
CA LYS C 34 18.95 19.86 2.48
C LYS C 34 17.69 20.67 2.23
N GLU C 35 16.61 20.31 2.93
CA GLU C 35 15.37 21.03 2.78
C GLU C 35 15.53 22.47 3.24
N ILE C 36 16.16 22.64 4.40
CA ILE C 36 16.38 23.97 4.94
C ILE C 36 17.08 24.82 3.89
N VAL C 37 18.08 24.25 3.23
CA VAL C 37 18.80 24.96 2.19
C VAL C 37 17.85 25.31 1.05
N ALA C 38 17.11 24.30 0.58
CA ALA C 38 16.17 24.49 -0.51
C ALA C 38 15.07 25.49 -0.18
N SER C 39 14.76 25.68 1.11
CA SER C 39 13.71 26.61 1.51
C SER C 39 14.20 28.04 1.58
N CYS C 40 15.51 28.23 1.55
CA CYS C 40 16.08 29.57 1.64
C CYS C 40 16.19 30.29 0.31
N ASP C 41 15.64 31.50 0.22
CA ASP C 41 15.71 32.22 -1.05
C ASP C 41 17.13 32.60 -1.49
N LYS C 42 18.02 32.83 -0.52
CA LYS C 42 19.38 33.22 -0.85
C LYS C 42 20.38 32.11 -1.18
N CYS C 43 19.98 30.86 -1.06
CA CYS C 43 20.91 29.78 -1.37
C CYS C 43 20.43 28.84 -2.44
N GLN C 44 21.30 27.94 -2.86
CA GLN C 44 20.96 26.96 -3.88
C GLN C 44 21.61 25.64 -3.49
N LEU C 45 20.82 24.59 -3.51
CA LEU C 45 21.30 23.26 -3.15
C LEU C 45 21.88 22.61 -4.39
N LYS C 46 22.85 23.28 -5.01
CA LYS C 46 23.49 22.79 -6.24
C LYS C 46 22.46 22.16 -7.18
N CYS C 56 23.11 15.20 -14.42
CA CYS C 56 22.83 14.01 -15.20
C CYS C 56 21.57 13.31 -14.69
N SER C 57 20.76 12.81 -15.63
CA SER C 57 19.52 12.11 -15.32
C SER C 57 19.80 10.82 -14.54
N PRO C 58 19.02 10.56 -13.48
CA PRO C 58 19.19 9.36 -12.65
C PRO C 58 18.98 8.03 -13.35
N GLY C 59 18.41 8.07 -14.56
CA GLY C 59 18.15 6.83 -15.29
C GLY C 59 19.17 6.50 -16.35
N ILE C 60 20.17 7.38 -16.51
CA ILE C 60 21.22 7.21 -17.51
C ILE C 60 22.43 6.40 -17.05
N TRP C 61 22.85 5.46 -17.89
CA TRP C 61 24.01 4.63 -17.61
C TRP C 61 24.94 4.61 -18.82
N GLN C 62 26.22 4.41 -18.57
CA GLN C 62 27.18 4.32 -19.65
C GLN C 62 27.71 2.89 -19.62
N LEU C 63 27.75 2.25 -20.77
CA LEU C 63 28.21 0.88 -20.85
C LEU C 63 29.39 0.77 -21.81
N ASP C 64 30.35 -0.10 -21.50
CA ASP C 64 31.51 -0.27 -22.36
C ASP C 64 32.32 -1.50 -21.99
N CYS C 65 33.22 -1.91 -22.87
CA CYS C 65 34.07 -3.07 -22.61
C CYS C 65 35.53 -2.70 -22.50
N THR C 66 36.23 -3.34 -21.58
CA THR C 66 37.66 -3.10 -21.40
C THR C 66 38.33 -4.47 -21.37
N HIS C 67 39.64 -4.50 -21.61
CA HIS C 67 40.35 -5.77 -21.63
C HIS C 67 41.48 -5.84 -20.63
N LEU C 68 41.69 -7.04 -20.09
CA LEU C 68 42.74 -7.25 -19.10
C LEU C 68 43.05 -8.75 -19.06
N GLU C 69 44.32 -9.10 -19.26
CA GLU C 69 44.74 -10.51 -19.25
C GLU C 69 44.05 -11.33 -20.34
N GLY C 70 43.85 -10.72 -21.50
CA GLY C 70 43.23 -11.41 -22.61
C GLY C 70 41.75 -11.78 -22.43
N LYS C 71 41.11 -11.18 -21.43
CA LYS C 71 39.72 -11.46 -21.18
C LYS C 71 38.90 -10.19 -21.32
N VAL C 72 37.60 -10.34 -21.54
CA VAL C 72 36.74 -9.17 -21.71
C VAL C 72 35.96 -8.84 -20.45
N ILE C 73 36.00 -7.56 -20.08
CA ILE C 73 35.28 -7.10 -18.91
C ILE C 73 34.23 -6.12 -19.40
N LEU C 74 32.97 -6.40 -19.05
CA LEU C 74 31.87 -5.52 -19.42
C LEU C 74 31.63 -4.64 -18.20
N VAL C 75 31.73 -3.32 -18.39
CA VAL C 75 31.54 -2.37 -17.29
C VAL C 75 30.35 -1.45 -17.52
N ALA C 76 29.57 -1.21 -16.47
CA ALA C 76 28.41 -0.33 -16.57
C ALA C 76 28.55 0.76 -15.50
N VAL C 77 28.31 2.00 -15.90
CA VAL C 77 28.43 3.11 -14.97
C VAL C 77 27.16 3.96 -14.85
N HIS C 78 26.73 4.19 -13.61
CA HIS C 78 25.58 5.05 -13.37
C HIS C 78 26.14 6.46 -13.26
N VAL C 79 26.12 7.16 -14.38
CA VAL C 79 26.68 8.51 -14.51
C VAL C 79 26.44 9.50 -13.38
N ALA C 80 25.23 9.56 -12.85
CA ALA C 80 24.95 10.53 -11.80
C ALA C 80 25.63 10.26 -10.47
N SER C 81 25.93 9.00 -10.19
CA SER C 81 26.55 8.63 -8.93
C SER C 81 27.97 8.10 -9.03
N GLY C 82 28.33 7.57 -10.19
CA GLY C 82 29.65 7.01 -10.34
C GLY C 82 29.66 5.55 -9.92
N TYR C 83 28.49 5.04 -9.53
CA TYR C 83 28.35 3.65 -9.12
C TYR C 83 28.69 2.70 -10.28
N ILE C 84 29.25 1.55 -9.94
CA ILE C 84 29.69 0.58 -10.94
C ILE C 84 29.19 -0.86 -10.82
N GLU C 85 29.12 -1.52 -11.98
CA GLU C 85 28.77 -2.94 -12.08
C GLU C 85 29.68 -3.46 -13.19
N ALA C 86 30.39 -4.55 -12.93
CA ALA C 86 31.28 -5.08 -13.94
C ALA C 86 31.30 -6.60 -13.91
N GLU C 87 31.60 -7.20 -15.06
CA GLU C 87 31.69 -8.66 -15.15
C GLU C 87 32.59 -9.13 -16.29
N VAL C 88 33.22 -10.27 -16.05
CA VAL C 88 34.06 -10.88 -17.06
C VAL C 88 33.09 -11.68 -17.92
N ILE C 89 33.03 -11.36 -19.19
CA ILE C 89 32.14 -12.07 -20.09
C ILE C 89 33.00 -12.89 -21.06
N PRO C 90 32.50 -14.06 -21.47
CA PRO C 90 33.25 -14.93 -22.38
C PRO C 90 33.61 -14.32 -23.74
N ALA C 91 32.78 -13.41 -24.25
CA ALA C 91 33.06 -12.79 -25.54
C ALA C 91 32.31 -11.48 -25.71
N GLU C 92 32.86 -10.59 -26.53
CA GLU C 92 32.23 -9.30 -26.80
C GLU C 92 31.17 -9.47 -27.85
N THR C 93 30.03 -10.04 -27.46
CA THR C 93 28.95 -10.26 -28.40
C THR C 93 27.65 -9.70 -27.84
N GLY C 94 26.67 -9.53 -28.71
CA GLY C 94 25.38 -9.02 -28.29
C GLY C 94 24.79 -9.96 -27.26
N GLN C 95 24.90 -11.26 -27.51
CA GLN C 95 24.37 -12.27 -26.59
C GLN C 95 24.78 -12.03 -25.15
N GLU C 96 26.05 -11.68 -24.95
CA GLU C 96 26.53 -11.43 -23.59
C GLU C 96 26.09 -10.07 -23.06
N THR C 97 26.11 -9.07 -23.93
CA THR C 97 25.70 -7.72 -23.54
C THR C 97 24.23 -7.71 -23.14
N ALA C 98 23.40 -8.39 -23.92
CA ALA C 98 21.96 -8.46 -23.68
C ALA C 98 21.64 -9.11 -22.32
N TYR C 99 22.35 -10.19 -21.99
CA TYR C 99 22.11 -10.86 -20.72
C TYR C 99 22.49 -9.93 -19.56
N PHE C 100 23.61 -9.24 -19.74
CA PHE C 100 24.12 -8.30 -18.74
C PHE C 100 23.10 -7.18 -18.48
N LEU C 101 22.60 -6.56 -19.56
CA LEU C 101 21.62 -5.48 -19.45
C LEU C 101 20.35 -5.93 -18.75
N LEU C 102 19.94 -7.17 -18.98
CA LEU C 102 18.74 -7.73 -18.36
C LEU C 102 18.93 -7.76 -16.85
N LYS C 103 20.05 -8.30 -16.42
CA LYS C 103 20.36 -8.40 -15.01
C LYS C 103 20.37 -7.01 -14.39
N LEU C 104 21.06 -6.08 -15.05
CA LEU C 104 21.18 -4.71 -14.58
C LEU C 104 19.81 -4.05 -14.41
N ALA C 105 19.10 -3.95 -15.53
CA ALA C 105 17.77 -3.36 -15.57
C ALA C 105 16.82 -3.94 -14.53
N GLY C 106 17.10 -5.16 -14.10
CA GLY C 106 16.25 -5.82 -13.11
C GLY C 106 16.45 -5.33 -11.70
N ARG C 107 17.57 -4.65 -11.44
CA ARG C 107 17.81 -4.16 -10.09
C ARG C 107 17.80 -2.64 -9.98
N TRP C 108 18.15 -1.96 -11.06
CA TRP C 108 18.15 -0.50 -11.08
C TRP C 108 17.21 0.02 -12.16
N PRO C 109 16.61 1.20 -11.95
CA PRO C 109 15.69 1.75 -12.95
C PRO C 109 16.44 2.32 -14.15
N VAL C 110 16.89 1.44 -15.04
CA VAL C 110 17.64 1.83 -16.23
C VAL C 110 16.70 2.39 -17.28
N LYS C 111 16.85 3.67 -17.60
CA LYS C 111 16.00 4.34 -18.58
C LYS C 111 16.69 4.47 -19.93
N THR C 112 17.96 4.83 -19.91
CA THR C 112 18.71 4.98 -21.14
C THR C 112 20.19 4.62 -20.99
N VAL C 113 20.69 3.87 -21.96
CA VAL C 113 22.08 3.46 -21.95
C VAL C 113 22.88 4.13 -23.05
N HIS C 114 24.07 4.61 -22.69
CA HIS C 114 24.95 5.27 -23.66
C HIS C 114 26.11 4.35 -23.91
N THR C 115 26.37 4.10 -25.19
CA THR C 115 27.44 3.20 -25.57
C THR C 115 28.21 3.71 -26.80
N ASP C 116 29.26 2.98 -27.16
CA ASP C 116 30.02 3.35 -28.34
C ASP C 116 29.27 2.84 -29.57
N ASN C 117 30.00 2.54 -30.64
CA ASN C 117 29.34 2.09 -31.86
C ASN C 117 29.57 0.63 -32.19
N GLY C 118 30.27 -0.08 -31.31
CA GLY C 118 30.54 -1.49 -31.55
C GLY C 118 29.30 -2.31 -31.87
N SER C 119 29.44 -3.25 -32.80
CA SER C 119 28.33 -4.14 -33.18
C SER C 119 27.92 -4.86 -31.92
N ASN C 120 28.78 -4.72 -30.92
CA ASN C 120 28.62 -5.29 -29.59
C ASN C 120 27.35 -4.73 -28.95
N PHE C 121 27.16 -3.41 -29.06
CA PHE C 121 25.99 -2.74 -28.49
C PHE C 121 24.93 -2.33 -29.51
N THR C 122 25.20 -2.55 -30.79
CA THR C 122 24.23 -2.21 -31.83
C THR C 122 23.54 -3.46 -32.33
N SER C 123 24.00 -4.60 -31.81
CA SER C 123 23.44 -5.91 -32.17
C SER C 123 21.92 -5.92 -31.99
N THR C 124 21.22 -6.73 -32.77
CA THR C 124 19.77 -6.81 -32.65
C THR C 124 19.39 -7.58 -31.39
N THR C 125 20.32 -8.39 -30.90
CA THR C 125 20.07 -9.15 -29.68
C THR C 125 19.95 -8.14 -28.53
N VAL C 126 20.86 -7.18 -28.50
CA VAL C 126 20.87 -6.13 -27.48
C VAL C 126 19.65 -5.24 -27.62
N LYS C 127 19.20 -5.05 -28.85
CA LYS C 127 18.03 -4.21 -29.11
C LYS C 127 16.77 -4.88 -28.61
N ALA C 128 16.71 -6.20 -28.73
CA ALA C 128 15.55 -6.96 -28.27
C ALA C 128 15.51 -6.91 -26.75
N ALA C 129 16.69 -7.04 -26.14
CA ALA C 129 16.81 -6.98 -24.69
C ALA C 129 16.35 -5.61 -24.21
N CYS C 130 16.81 -4.55 -24.89
CA CYS C 130 16.44 -3.19 -24.53
C CYS C 130 14.95 -2.96 -24.65
N ASP C 131 14.35 -3.37 -25.77
CA ASP C 131 12.92 -3.18 -25.96
C ASP C 131 12.11 -3.92 -24.90
N TRP C 132 12.60 -5.09 -24.50
CA TRP C 132 11.90 -5.87 -23.49
C TRP C 132 11.96 -5.16 -22.12
N ALA C 133 13.14 -4.64 -21.78
CA ALA C 133 13.35 -3.97 -20.51
C ALA C 133 12.94 -2.49 -20.49
N GLY C 134 12.46 -1.98 -21.63
CA GLY C 134 12.06 -0.59 -21.70
C GLY C 134 13.24 0.36 -21.59
N ILE C 135 14.33 0.04 -22.27
CA ILE C 135 15.51 0.88 -22.22
C ILE C 135 15.76 1.52 -23.58
N LYS C 136 16.18 2.78 -23.58
CA LYS C 136 16.48 3.49 -24.81
C LYS C 136 17.99 3.47 -24.99
N GLN C 137 18.43 3.43 -26.24
CA GLN C 137 19.86 3.40 -26.53
C GLN C 137 20.32 4.69 -27.19
N GLU C 138 21.62 4.94 -27.12
CA GLU C 138 22.22 6.12 -27.72
C GLU C 138 23.72 5.88 -27.87
N ASP C 139 24.11 5.40 -29.06
CA ASP C 139 25.50 5.11 -29.37
C ASP C 139 26.38 6.37 -29.44
N GLY C 149 33.75 11.44 -21.57
CA GLY C 149 34.52 10.24 -21.28
C GLY C 149 34.34 9.80 -19.84
N VAL C 150 33.09 9.79 -19.39
CA VAL C 150 32.78 9.40 -18.01
C VAL C 150 33.15 7.95 -17.74
N ILE C 151 33.05 7.11 -18.75
CA ILE C 151 33.36 5.69 -18.59
C ILE C 151 34.82 5.34 -18.85
N GLU C 152 35.62 6.32 -19.26
CA GLU C 152 37.04 6.08 -19.51
C GLU C 152 37.79 6.20 -18.18
N SER C 153 37.33 7.13 -17.36
CA SER C 153 37.94 7.36 -16.06
C SER C 153 37.71 6.17 -15.15
N MET C 154 36.48 5.68 -15.12
CA MET C 154 36.14 4.53 -14.27
C MET C 154 36.86 3.30 -14.79
N ASN C 155 36.97 3.23 -16.11
CA ASN C 155 37.63 2.12 -16.75
C ASN C 155 39.08 2.02 -16.31
N LYS C 156 39.73 3.17 -16.19
CA LYS C 156 41.13 3.18 -15.77
C LYS C 156 41.27 2.97 -14.26
N GLU C 157 40.37 3.57 -13.48
CA GLU C 157 40.43 3.44 -12.04
C GLU C 157 40.08 2.02 -11.59
N LEU C 158 39.25 1.35 -12.37
CA LEU C 158 38.86 -0.03 -12.08
C LEU C 158 40.09 -0.92 -12.25
N LYS C 159 40.80 -0.72 -13.35
CA LYS C 159 42.01 -1.48 -13.65
C LYS C 159 43.05 -1.22 -12.55
N LYS C 160 43.11 0.01 -12.07
CA LYS C 160 44.03 0.39 -11.01
C LYS C 160 43.73 -0.40 -9.74
N ILE C 161 42.48 -0.38 -9.31
CA ILE C 161 42.09 -1.10 -8.09
C ILE C 161 42.30 -2.59 -8.27
N ILE C 162 41.99 -3.08 -9.47
CA ILE C 162 42.19 -4.50 -9.77
C ILE C 162 43.67 -4.79 -9.61
N GLY C 163 44.49 -3.89 -10.14
CA GLY C 163 45.93 -4.06 -10.08
C GLY C 163 46.47 -4.20 -8.67
N GLN C 164 45.94 -3.40 -7.76
CA GLN C 164 46.41 -3.45 -6.38
C GLN C 164 45.76 -4.54 -5.53
N VAL C 165 44.71 -5.16 -6.06
CA VAL C 165 44.04 -6.21 -5.32
C VAL C 165 44.21 -7.59 -5.98
N ARG C 166 44.78 -7.59 -7.18
CA ARG C 166 44.99 -8.81 -7.96
C ARG C 166 45.58 -10.02 -7.24
N ASP C 167 46.73 -9.82 -6.61
CA ASP C 167 47.42 -10.90 -5.89
C ASP C 167 46.61 -11.45 -4.74
N GLN C 168 45.42 -10.88 -4.53
CA GLN C 168 44.57 -11.31 -3.44
C GLN C 168 43.58 -12.36 -3.92
N ALA C 169 43.54 -12.58 -5.23
CA ALA C 169 42.63 -13.55 -5.83
C ALA C 169 43.28 -14.31 -6.98
N GLU C 170 42.98 -15.61 -7.06
CA GLU C 170 43.52 -16.46 -8.10
C GLU C 170 43.03 -16.13 -9.50
N HIS C 171 41.72 -16.00 -9.68
CA HIS C 171 41.19 -15.70 -10.99
C HIS C 171 40.86 -14.23 -11.15
N LEU C 172 40.91 -13.74 -12.39
CA LEU C 172 40.61 -12.36 -12.70
C LEU C 172 39.18 -12.05 -12.24
N LYS C 173 38.29 -13.02 -12.45
CA LYS C 173 36.89 -12.91 -12.04
C LYS C 173 36.70 -12.31 -10.64
N THR C 174 37.32 -12.94 -9.65
CA THR C 174 37.19 -12.48 -8.28
C THR C 174 37.90 -11.15 -8.05
N ALA C 175 39.00 -10.94 -8.75
CA ALA C 175 39.74 -9.70 -8.59
C ALA C 175 38.88 -8.53 -9.05
N VAL C 176 38.16 -8.73 -10.15
CA VAL C 176 37.30 -7.69 -10.70
C VAL C 176 36.18 -7.33 -9.74
N GLN C 177 35.55 -8.33 -9.14
CA GLN C 177 34.46 -8.09 -8.21
C GLN C 177 34.96 -7.43 -6.93
N MET C 178 36.19 -7.73 -6.51
CA MET C 178 36.74 -7.11 -5.31
C MET C 178 36.92 -5.62 -5.63
N ALA C 179 37.40 -5.35 -6.84
CA ALA C 179 37.64 -3.98 -7.32
C ALA C 179 36.35 -3.16 -7.40
N VAL C 180 35.26 -3.81 -7.81
CA VAL C 180 33.96 -3.15 -7.92
C VAL C 180 33.46 -2.82 -6.52
N PHE C 181 33.56 -3.80 -5.64
CA PHE C 181 33.17 -3.65 -4.23
C PHE C 181 33.95 -2.48 -3.64
N ILE C 182 35.27 -2.49 -3.81
CA ILE C 182 36.10 -1.42 -3.30
C ILE C 182 35.72 -0.06 -3.85
N HIS C 183 35.50 0.03 -5.17
CA HIS C 183 35.11 1.29 -5.81
C HIS C 183 33.77 1.83 -5.31
N ASN C 184 32.78 0.94 -5.21
CA ASN C 184 31.44 1.33 -4.78
C ASN C 184 31.30 1.61 -3.28
N LYS C 185 32.08 0.92 -2.46
CA LYS C 185 31.92 1.10 -1.01
C LYS C 185 33.15 1.49 -0.19
N LYS C 186 34.30 1.66 -0.84
CA LYS C 186 35.51 1.99 -0.09
C LYS C 186 36.29 3.15 -0.67
N ARG C 187 35.62 3.97 -1.46
CA ARG C 187 36.26 5.14 -2.04
C ARG C 187 35.23 6.27 -1.90
N LYS C 188 35.34 6.98 -0.78
CA LYS C 188 34.42 8.06 -0.46
C LYS C 188 34.96 9.44 -0.83
N GLY C 189 34.04 10.39 -0.95
CA GLY C 189 34.41 11.75 -1.29
C GLY C 189 33.18 12.65 -1.38
N GLY C 190 33.32 13.75 -2.13
CA GLY C 190 32.22 14.69 -2.29
C GLY C 190 31.82 15.43 -1.03
N ILE C 191 30.89 16.37 -1.16
CA ILE C 191 30.44 17.17 -0.02
C ILE C 191 29.78 16.29 1.04
N GLY C 192 29.15 15.20 0.61
CA GLY C 192 28.49 14.33 1.57
C GLY C 192 29.39 13.30 2.19
N GLY C 193 30.59 13.11 1.63
CA GLY C 193 31.50 12.12 2.16
C GLY C 193 30.93 10.72 1.96
N TYR C 194 30.18 10.55 0.88
CA TYR C 194 29.56 9.28 0.58
C TYR C 194 30.36 8.45 -0.42
N SER C 195 30.02 7.17 -0.49
CA SER C 195 30.64 6.26 -1.45
C SER C 195 29.68 6.25 -2.63
N ALA C 196 30.12 5.73 -3.77
CA ALA C 196 29.26 5.69 -4.95
C ALA C 196 28.04 4.84 -4.63
N GLY C 197 28.26 3.76 -3.88
CA GLY C 197 27.17 2.88 -3.51
C GLY C 197 26.08 3.63 -2.76
N GLU C 198 26.49 4.60 -1.94
CA GLU C 198 25.52 5.37 -1.17
C GLU C 198 24.87 6.44 -2.02
N ARG C 199 25.63 7.02 -2.93
CA ARG C 199 25.10 8.06 -3.80
C ARG C 199 23.98 7.58 -4.73
N ILE C 200 24.17 6.44 -5.39
CA ILE C 200 23.16 5.97 -6.31
C ILE C 200 21.84 5.71 -5.59
N VAL C 201 21.92 5.07 -4.42
CA VAL C 201 20.74 4.78 -3.62
C VAL C 201 20.01 6.08 -3.27
N ASP C 202 20.76 7.05 -2.76
CA ASP C 202 20.17 8.33 -2.41
C ASP C 202 19.53 8.96 -3.65
N ILE C 203 20.27 8.94 -4.76
CA ILE C 203 19.78 9.52 -6.00
C ILE C 203 18.51 8.80 -6.47
N ILE C 204 18.53 7.47 -6.45
CA ILE C 204 17.37 6.71 -6.88
C ILE C 204 16.21 6.89 -5.91
N ALA C 205 16.46 6.84 -4.61
CA ALA C 205 15.39 6.98 -3.62
C ALA C 205 14.70 8.34 -3.69
N THR C 206 15.49 9.39 -3.92
CA THR C 206 14.97 10.74 -4.00
C THR C 206 14.11 10.91 -5.25
N ASP C 207 14.56 10.34 -6.36
CA ASP C 207 13.83 10.44 -7.63
C ASP C 207 12.52 9.67 -7.56
N ILE C 208 12.42 8.73 -6.63
CA ILE C 208 11.19 7.95 -6.48
C ILE C 208 10.08 8.86 -5.96
N GLN C 209 10.37 9.62 -4.91
CA GLN C 209 9.39 10.52 -4.33
C GLN C 209 9.12 11.72 -5.24
N PHE D 1 7.17 17.97 3.19
CA PHE D 1 8.20 18.95 3.68
C PHE D 1 7.70 20.38 3.58
N LEU D 2 6.63 20.56 2.81
CA LEU D 2 5.96 21.85 2.61
C LEU D 2 5.06 22.00 3.85
N ASP D 3 5.69 22.05 5.02
CA ASP D 3 4.98 22.13 6.29
C ASP D 3 4.24 20.82 6.45
N GLY D 4 4.75 19.80 5.78
CA GLY D 4 4.13 18.49 5.85
C GLY D 4 4.39 17.89 7.22
N ILE D 5 5.51 18.26 7.82
CA ILE D 5 5.86 17.76 9.15
C ILE D 5 4.79 18.20 10.13
N ASP D 6 4.42 19.46 10.01
CA ASP D 6 3.40 20.03 10.86
C ASP D 6 2.08 19.26 10.73
N LYS D 7 1.66 19.04 9.49
CA LYS D 7 0.42 18.33 9.22
C LYS D 7 0.45 16.88 9.70
N ALA D 8 1.56 16.20 9.45
CA ALA D 8 1.71 14.81 9.85
C ALA D 8 1.69 14.70 11.37
N GLN D 9 2.26 15.71 12.02
CA GLN D 9 2.35 15.73 13.47
C GLN D 9 0.96 15.76 14.09
N GLU D 10 0.09 16.61 13.57
CA GLU D 10 -1.25 16.69 14.13
C GLU D 10 -2.08 15.46 13.80
N GLU D 11 -1.85 14.89 12.62
CA GLU D 11 -2.56 13.68 12.22
C GLU D 11 -2.20 12.60 13.23
N HIS D 12 -0.91 12.50 13.55
CA HIS D 12 -0.45 11.50 14.49
C HIS D 12 -0.95 11.73 15.91
N GLU D 13 -1.01 13.00 16.29
CA GLU D 13 -1.46 13.39 17.62
C GLU D 13 -2.86 12.85 17.92
N LYS D 14 -3.69 12.77 16.87
CA LYS D 14 -5.05 12.27 17.00
C LYS D 14 -5.17 10.76 16.76
N TYR D 15 -4.65 10.31 15.61
CA TYR D 15 -4.76 8.90 15.22
C TYR D 15 -3.54 8.01 15.40
N HIS D 16 -2.42 8.60 15.83
CA HIS D 16 -1.17 7.85 16.05
C HIS D 16 -0.81 6.97 14.86
N SER D 17 -0.87 7.57 13.68
CA SER D 17 -0.56 6.90 12.42
C SER D 17 0.88 6.38 12.34
N ASN D 18 1.05 5.26 11.64
CA ASN D 18 2.36 4.62 11.46
C ASN D 18 3.22 5.50 10.55
N TRP D 19 4.53 5.29 10.57
CA TRP D 19 5.42 6.11 9.75
C TRP D 19 5.27 5.94 8.24
N ARG D 20 4.95 4.72 7.79
CA ARG D 20 4.79 4.51 6.35
C ARG D 20 3.63 5.34 5.87
N ALA D 21 2.55 5.30 6.63
CA ALA D 21 1.35 6.05 6.31
C ALA D 21 1.63 7.55 6.29
N MET D 22 2.37 8.05 7.27
CA MET D 22 2.65 9.48 7.31
C MET D 22 3.62 9.89 6.21
N ALA D 23 4.56 9.01 5.90
CA ALA D 23 5.54 9.28 4.87
C ALA D 23 4.81 9.43 3.54
N SER D 24 3.87 8.53 3.31
CA SER D 24 3.09 8.52 2.08
C SER D 24 2.03 9.62 2.02
N ASP D 25 1.26 9.76 3.11
CA ASP D 25 0.22 10.78 3.15
C ASP D 25 0.75 12.21 3.07
N PHE D 26 1.81 12.53 3.79
CA PHE D 26 2.31 13.89 3.77
C PHE D 26 3.61 14.10 2.99
N ASN D 27 3.93 13.13 2.15
CA ASN D 27 5.14 13.20 1.33
C ASN D 27 6.36 13.63 2.10
N LEU D 28 6.64 12.87 3.15
CA LEU D 28 7.79 13.14 4.00
C LEU D 28 8.76 11.99 3.83
N PRO D 29 10.07 12.27 3.92
CA PRO D 29 11.04 11.18 3.78
C PRO D 29 10.83 10.28 5.00
N PRO D 30 11.00 8.96 4.83
CA PRO D 30 10.81 8.01 5.92
C PRO D 30 11.48 8.37 7.24
N VAL D 31 12.70 8.91 7.18
CA VAL D 31 13.43 9.28 8.39
C VAL D 31 12.69 10.34 9.22
N VAL D 32 12.03 11.27 8.54
CA VAL D 32 11.27 12.31 9.21
C VAL D 32 10.01 11.70 9.84
N ALA D 33 9.35 10.84 9.09
CA ALA D 33 8.14 10.20 9.59
C ALA D 33 8.43 9.31 10.79
N LYS D 34 9.51 8.54 10.72
CA LYS D 34 9.87 7.65 11.81
C LYS D 34 10.23 8.41 13.08
N GLU D 35 10.66 9.67 12.90
CA GLU D 35 11.03 10.51 14.03
C GLU D 35 9.76 10.99 14.74
N ILE D 36 8.70 11.23 13.99
CA ILE D 36 7.44 11.66 14.59
C ILE D 36 6.94 10.55 15.53
N VAL D 37 7.07 9.32 15.08
CA VAL D 37 6.65 8.18 15.87
C VAL D 37 7.55 8.07 17.10
N ALA D 38 8.86 8.13 16.88
CA ALA D 38 9.82 8.04 17.98
C ALA D 38 9.58 9.11 19.05
N SER D 39 9.12 10.28 18.65
CA SER D 39 8.87 11.36 19.59
C SER D 39 7.61 11.14 20.43
N CYS D 40 6.70 10.30 19.95
CA CYS D 40 5.46 10.07 20.68
C CYS D 40 5.56 9.09 21.85
N ASP D 41 5.02 9.47 23.00
CA ASP D 41 5.06 8.59 24.17
C ASP D 41 4.13 7.39 24.09
N LYS D 42 3.12 7.46 23.22
CA LYS D 42 2.16 6.37 23.08
C LYS D 42 2.55 5.28 22.08
N CYS D 43 3.63 5.50 21.34
CA CYS D 43 4.04 4.50 20.34
C CYS D 43 5.42 3.87 20.40
N GLN D 44 5.74 3.13 19.35
CA GLN D 44 7.02 2.42 19.18
C GLN D 44 7.13 2.25 17.67
N LEU D 45 8.35 2.27 17.14
CA LEU D 45 8.58 2.15 15.71
C LEU D 45 8.21 0.83 15.02
N LYS D 46 7.80 0.95 13.75
CA LYS D 46 7.38 -0.15 12.89
C LYS D 46 6.33 -1.04 13.51
N CYS D 56 12.88 -5.99 10.55
CA CYS D 56 14.07 -6.68 10.08
C CYS D 56 15.17 -5.69 9.73
N SER D 57 16.42 -6.03 10.06
CA SER D 57 17.58 -5.18 9.77
C SER D 57 17.83 -4.99 8.27
N PRO D 58 18.11 -3.75 7.85
CA PRO D 58 18.37 -3.37 6.46
C PRO D 58 19.50 -4.16 5.80
N GLY D 59 20.35 -4.81 6.60
CA GLY D 59 21.47 -5.54 6.03
C GLY D 59 21.34 -7.06 6.01
N ILE D 60 20.15 -7.57 6.29
CA ILE D 60 19.91 -9.02 6.33
C ILE D 60 19.43 -9.61 5.02
N TRP D 61 20.12 -10.65 4.56
CA TRP D 61 19.78 -11.34 3.32
C TRP D 61 19.68 -12.84 3.51
N GLN D 62 18.72 -13.45 2.84
CA GLN D 62 18.57 -14.90 2.90
C GLN D 62 19.03 -15.43 1.56
N LEU D 63 19.89 -16.44 1.60
CA LEU D 63 20.44 -17.03 0.40
C LEU D 63 19.99 -18.48 0.27
N ASP D 64 19.57 -18.88 -0.92
CA ASP D 64 19.13 -20.25 -1.13
C ASP D 64 19.31 -20.72 -2.57
N CYS D 65 19.18 -22.02 -2.76
CA CYS D 65 19.28 -22.62 -4.09
C CYS D 65 17.98 -23.33 -4.41
N THR D 66 17.62 -23.32 -5.68
CA THR D 66 16.40 -23.98 -6.14
C THR D 66 16.70 -24.58 -7.52
N HIS D 67 15.87 -25.51 -7.96
CA HIS D 67 16.11 -26.13 -9.24
C HIS D 67 14.95 -26.03 -10.21
N LEU D 68 15.29 -25.93 -11.48
CA LEU D 68 14.30 -25.82 -12.53
C LEU D 68 14.96 -26.31 -13.81
N GLU D 69 14.28 -27.17 -14.54
CA GLU D 69 14.81 -27.71 -15.79
C GLU D 69 16.19 -28.34 -15.62
N GLY D 70 16.42 -28.92 -14.44
CA GLY D 70 17.69 -29.55 -14.16
C GLY D 70 18.83 -28.57 -13.93
N LYS D 71 18.52 -27.31 -13.70
CA LYS D 71 19.55 -26.32 -13.46
C LYS D 71 19.50 -25.72 -12.06
N VAL D 72 20.62 -25.19 -11.60
CA VAL D 72 20.66 -24.60 -10.28
C VAL D 72 20.43 -23.09 -10.34
N ILE D 73 19.48 -22.64 -9.54
CA ILE D 73 19.17 -21.22 -9.46
C ILE D 73 19.51 -20.76 -8.05
N LEU D 74 20.48 -19.88 -7.94
CA LEU D 74 20.88 -19.35 -6.64
C LEU D 74 20.03 -18.08 -6.45
N VAL D 75 19.25 -18.05 -5.38
CA VAL D 75 18.37 -16.91 -5.09
C VAL D 75 18.75 -16.17 -3.81
N ALA D 76 18.81 -14.85 -3.90
CA ALA D 76 19.13 -14.02 -2.75
C ALA D 76 17.93 -13.11 -2.49
N VAL D 77 17.50 -13.02 -1.24
CA VAL D 77 16.36 -12.16 -0.89
C VAL D 77 16.68 -11.12 0.19
N HIS D 78 16.36 -9.87 -0.10
CA HIS D 78 16.56 -8.79 0.88
C HIS D 78 15.32 -8.89 1.76
N VAL D 79 15.46 -9.58 2.88
CA VAL D 79 14.36 -9.80 3.80
C VAL D 79 13.41 -8.61 4.07
N ALA D 80 13.96 -7.45 4.39
CA ALA D 80 13.10 -6.31 4.70
C ALA D 80 12.24 -5.78 3.57
N SER D 81 12.76 -5.80 2.35
CA SER D 81 12.02 -5.26 1.20
C SER D 81 11.32 -6.30 0.34
N GLY D 82 11.90 -7.49 0.27
CA GLY D 82 11.34 -8.55 -0.56
C GLY D 82 12.03 -8.54 -1.91
N TYR D 83 12.93 -7.57 -2.10
CA TYR D 83 13.68 -7.47 -3.35
C TYR D 83 14.47 -8.75 -3.56
N ILE D 84 14.64 -9.13 -4.82
CA ILE D 84 15.34 -10.36 -5.12
C ILE D 84 16.43 -10.19 -6.15
N GLU D 85 17.34 -11.16 -6.15
CA GLU D 85 18.43 -11.20 -7.09
C GLU D 85 18.68 -12.71 -7.22
N ALA D 86 18.86 -13.18 -8.44
CA ALA D 86 19.08 -14.60 -8.64
C ALA D 86 19.84 -14.87 -9.91
N GLU D 87 20.33 -16.10 -10.06
CA GLU D 87 21.07 -16.45 -11.25
C GLU D 87 21.31 -17.95 -11.39
N VAL D 88 21.37 -18.40 -12.64
CA VAL D 88 21.63 -19.80 -12.96
C VAL D 88 23.13 -20.04 -12.80
N ILE D 89 23.52 -20.90 -11.87
CA ILE D 89 24.92 -21.21 -11.66
C ILE D 89 25.23 -22.62 -12.15
N PRO D 90 26.44 -22.83 -12.68
CA PRO D 90 26.94 -24.12 -13.22
C PRO D 90 26.71 -25.32 -12.30
N ALA D 91 27.10 -25.17 -11.05
CA ALA D 91 26.93 -26.25 -10.09
C ALA D 91 26.73 -25.70 -8.69
N GLU D 92 26.03 -26.46 -7.85
CA GLU D 92 25.78 -26.05 -6.49
C GLU D 92 27.05 -26.18 -5.64
N THR D 93 28.09 -25.45 -6.02
CA THR D 93 29.38 -25.51 -5.31
C THR D 93 29.76 -24.20 -4.62
N GLY D 94 30.38 -24.31 -3.45
CA GLY D 94 30.79 -23.15 -2.69
C GLY D 94 31.49 -22.09 -3.52
N GLN D 95 32.26 -22.53 -4.50
CA GLN D 95 32.98 -21.62 -5.36
C GLN D 95 32.02 -20.66 -6.07
N GLU D 96 30.96 -21.21 -6.69
CA GLU D 96 29.96 -20.40 -7.39
C GLU D 96 29.17 -19.52 -6.42
N THR D 97 28.93 -20.05 -5.22
CA THR D 97 28.20 -19.34 -4.19
C THR D 97 28.97 -18.11 -3.69
N ALA D 98 30.27 -18.29 -3.49
CA ALA D 98 31.12 -17.20 -3.02
C ALA D 98 31.25 -16.08 -4.04
N TYR D 99 31.32 -16.44 -5.32
CA TYR D 99 31.43 -15.44 -6.38
C TYR D 99 30.16 -14.62 -6.45
N PHE D 100 29.03 -15.30 -6.30
CA PHE D 100 27.72 -14.68 -6.32
C PHE D 100 27.64 -13.66 -5.17
N LEU D 101 28.09 -14.08 -4.00
CA LEU D 101 28.08 -13.22 -2.82
C LEU D 101 28.91 -11.97 -3.03
N LEU D 102 30.12 -12.16 -3.57
CA LEU D 102 31.01 -11.03 -3.84
C LEU D 102 30.32 -10.00 -4.71
N LYS D 103 29.66 -10.47 -5.76
CA LYS D 103 28.96 -9.55 -6.66
C LYS D 103 27.85 -8.81 -5.92
N LEU D 104 27.11 -9.54 -5.09
CA LEU D 104 26.02 -8.99 -4.32
C LEU D 104 26.49 -7.93 -3.33
N ALA D 105 27.50 -8.32 -2.54
CA ALA D 105 28.06 -7.47 -1.50
C ALA D 105 28.57 -6.12 -2.01
N GLY D 106 29.12 -6.09 -3.22
CA GLY D 106 29.63 -4.84 -3.75
C GLY D 106 28.55 -4.00 -4.42
N ARG D 107 27.33 -4.52 -4.34
CA ARG D 107 26.18 -3.87 -4.93
C ARG D 107 25.27 -3.31 -3.83
N TRP D 108 25.07 -4.09 -2.77
CA TRP D 108 24.24 -3.69 -1.65
C TRP D 108 25.00 -3.82 -0.34
N PRO D 109 24.60 -3.05 0.68
CA PRO D 109 25.29 -3.14 1.96
C PRO D 109 24.93 -4.42 2.70
N VAL D 110 25.45 -5.56 2.23
CA VAL D 110 25.17 -6.85 2.84
C VAL D 110 25.97 -7.02 4.13
N LYS D 111 25.28 -7.16 5.26
CA LYS D 111 25.99 -7.32 6.53
C LYS D 111 25.84 -8.74 7.08
N THR D 112 24.67 -9.34 6.86
CA THR D 112 24.42 -10.69 7.34
C THR D 112 23.66 -11.52 6.32
N VAL D 113 24.13 -12.74 6.12
CA VAL D 113 23.52 -13.66 5.18
C VAL D 113 22.99 -14.90 5.92
N HIS D 114 21.71 -15.20 5.74
CA HIS D 114 21.09 -16.37 6.37
C HIS D 114 20.98 -17.49 5.33
N THR D 115 21.35 -18.70 5.72
CA THR D 115 21.29 -19.84 4.81
C THR D 115 21.20 -21.16 5.57
N ASP D 116 21.02 -22.26 4.86
CA ASP D 116 20.96 -23.56 5.52
C ASP D 116 22.38 -24.11 5.69
N ASN D 117 22.50 -25.36 6.12
CA ASN D 117 23.82 -25.97 6.29
C ASN D 117 24.34 -26.50 4.95
N GLY D 118 23.63 -26.14 3.88
CA GLY D 118 24.01 -26.56 2.54
C GLY D 118 25.50 -26.62 2.33
N SER D 119 25.98 -27.78 1.88
CA SER D 119 27.40 -27.99 1.64
C SER D 119 28.08 -26.80 0.97
N ASN D 120 27.46 -26.26 -0.07
CA ASN D 120 28.02 -25.11 -0.77
C ASN D 120 27.91 -23.81 0.02
N PHE D 121 27.01 -23.79 1.01
CA PHE D 121 26.83 -22.59 1.82
C PHE D 121 27.76 -22.54 3.03
N THR D 122 28.36 -23.67 3.38
CA THR D 122 29.27 -23.74 4.53
C THR D 122 30.72 -24.00 4.13
N SER D 123 30.96 -24.10 2.82
CA SER D 123 32.30 -24.34 2.30
C SER D 123 33.25 -23.25 2.80
N THR D 124 34.53 -23.59 2.88
CA THR D 124 35.51 -22.62 3.33
C THR D 124 35.57 -21.45 2.36
N THR D 125 35.47 -21.74 1.06
CA THR D 125 35.55 -20.70 0.03
C THR D 125 34.50 -19.61 0.19
N VAL D 126 33.37 -19.96 0.80
CA VAL D 126 32.30 -18.98 1.04
C VAL D 126 32.66 -18.13 2.24
N LYS D 127 33.14 -18.76 3.31
CA LYS D 127 33.53 -18.03 4.50
C LYS D 127 34.62 -17.04 4.11
N ALA D 128 35.51 -17.51 3.25
CA ALA D 128 36.60 -16.68 2.78
C ALA D 128 35.98 -15.42 2.18
N ALA D 129 35.05 -15.62 1.25
CA ALA D 129 34.39 -14.50 0.61
C ALA D 129 33.68 -13.62 1.64
N CYS D 130 32.94 -14.25 2.55
CA CYS D 130 32.23 -13.51 3.58
C CYS D 130 33.19 -12.70 4.43
N ASP D 131 34.28 -13.34 4.85
CA ASP D 131 35.26 -12.67 5.66
C ASP D 131 35.86 -11.47 4.93
N TRP D 132 36.11 -11.62 3.63
CA TRP D 132 36.68 -10.52 2.88
C TRP D 132 35.73 -9.34 2.76
N ALA D 133 34.46 -9.64 2.50
CA ALA D 133 33.44 -8.61 2.31
C ALA D 133 32.83 -8.12 3.61
N GLY D 134 33.25 -8.69 4.73
CA GLY D 134 32.70 -8.28 6.00
C GLY D 134 31.26 -8.73 6.20
N ILE D 135 30.93 -9.91 5.71
CA ILE D 135 29.58 -10.44 5.84
C ILE D 135 29.56 -11.49 6.94
N LYS D 136 28.55 -11.44 7.80
CA LYS D 136 28.45 -12.42 8.86
C LYS D 136 27.44 -13.50 8.46
N GLN D 137 27.87 -14.75 8.46
CA GLN D 137 26.98 -15.84 8.09
C GLN D 137 26.10 -16.24 9.26
N GLU D 138 24.87 -16.63 8.98
CA GLU D 138 23.94 -17.01 10.03
C GLU D 138 23.21 -18.32 9.73
N ASP D 139 22.35 -18.73 10.66
CA ASP D 139 21.58 -19.96 10.52
C ASP D 139 22.53 -21.15 10.43
N SER D 153 10.01 -20.17 0.12
CA SER D 153 8.74 -19.50 -0.18
C SER D 153 8.90 -18.51 -1.31
N MET D 154 10.01 -17.77 -1.30
CA MET D 154 10.29 -16.80 -2.35
C MET D 154 10.68 -17.62 -3.58
N ASN D 155 11.16 -18.83 -3.33
CA ASN D 155 11.55 -19.77 -4.38
C ASN D 155 10.32 -20.10 -5.22
N LYS D 156 9.20 -20.29 -4.54
CA LYS D 156 7.95 -20.62 -5.20
C LYS D 156 7.44 -19.47 -6.06
N GLU D 157 7.53 -18.25 -5.54
CA GLU D 157 7.05 -17.08 -6.29
C GLU D 157 7.86 -16.88 -7.56
N LEU D 158 9.17 -17.05 -7.44
CA LEU D 158 10.08 -16.89 -8.57
C LEU D 158 9.73 -17.94 -9.62
N LYS D 159 9.60 -19.19 -9.17
CA LYS D 159 9.27 -20.29 -10.07
C LYS D 159 7.99 -19.96 -10.83
N LYS D 160 7.01 -19.44 -10.10
CA LYS D 160 5.73 -19.09 -10.67
C LYS D 160 5.83 -17.99 -11.73
N ILE D 161 6.61 -16.95 -11.47
CA ILE D 161 6.77 -15.88 -12.45
C ILE D 161 7.51 -16.38 -13.67
N ILE D 162 8.54 -17.18 -13.44
CA ILE D 162 9.32 -17.76 -14.52
C ILE D 162 8.33 -18.48 -15.43
N GLY D 163 7.40 -19.21 -14.83
CA GLY D 163 6.41 -19.94 -15.61
C GLY D 163 5.54 -19.08 -16.50
N GLN D 164 5.21 -17.87 -16.05
CA GLN D 164 4.34 -16.97 -16.82
C GLN D 164 5.12 -16.33 -17.96
N VAL D 165 6.44 -16.36 -17.84
CA VAL D 165 7.32 -15.73 -18.82
C VAL D 165 8.20 -16.68 -19.65
N ARG D 166 8.25 -17.96 -19.26
CA ARG D 166 9.11 -18.94 -19.94
C ARG D 166 9.15 -18.91 -21.47
N ASP D 167 7.98 -18.88 -22.11
CA ASP D 167 7.92 -18.87 -23.57
C ASP D 167 8.45 -17.60 -24.22
N GLN D 168 8.90 -16.65 -23.41
CA GLN D 168 9.44 -15.42 -23.96
C GLN D 168 10.96 -15.48 -24.07
N ALA D 169 11.54 -16.54 -23.52
CA ALA D 169 12.98 -16.69 -23.54
C ALA D 169 13.38 -18.06 -24.07
N GLU D 170 14.66 -18.21 -24.40
CA GLU D 170 15.19 -19.48 -24.88
C GLU D 170 15.88 -20.15 -23.69
N HIS D 171 17.07 -19.69 -23.34
CA HIS D 171 17.78 -20.23 -22.19
C HIS D 171 17.03 -19.91 -20.90
N LEU D 172 17.10 -20.82 -19.92
CA LEU D 172 16.44 -20.61 -18.64
C LEU D 172 16.98 -19.31 -18.03
N LYS D 173 18.29 -19.10 -18.18
CA LYS D 173 18.97 -17.90 -17.67
C LYS D 173 18.14 -16.65 -17.87
N THR D 174 17.82 -16.36 -19.13
CA THR D 174 17.06 -15.18 -19.50
C THR D 174 15.67 -15.15 -18.87
N ALA D 175 15.01 -16.28 -18.81
CA ALA D 175 13.68 -16.33 -18.20
C ALA D 175 13.79 -15.96 -16.71
N VAL D 176 14.85 -16.45 -16.07
CA VAL D 176 15.08 -16.18 -14.64
C VAL D 176 15.22 -14.68 -14.41
N GLN D 177 16.05 -14.03 -15.23
CA GLN D 177 16.27 -12.60 -15.12
C GLN D 177 14.99 -11.83 -15.43
N MET D 178 14.23 -12.30 -16.41
CA MET D 178 12.97 -11.64 -16.73
C MET D 178 12.05 -11.70 -15.50
N ALA D 179 12.01 -12.86 -14.85
CA ALA D 179 11.18 -13.04 -13.66
C ALA D 179 11.65 -12.12 -12.53
N VAL D 180 12.97 -12.01 -12.36
CA VAL D 180 13.53 -11.13 -11.33
C VAL D 180 13.05 -9.71 -11.63
N PHE D 181 13.24 -9.28 -12.87
CA PHE D 181 12.82 -7.96 -13.30
C PHE D 181 11.33 -7.79 -12.93
N ILE D 182 10.51 -8.76 -13.33
CA ILE D 182 9.08 -8.71 -13.04
C ILE D 182 8.85 -8.54 -11.54
N HIS D 183 9.42 -9.46 -10.76
CA HIS D 183 9.27 -9.45 -9.32
C HIS D 183 9.70 -8.14 -8.67
N ASN D 184 10.83 -7.60 -9.11
CA ASN D 184 11.35 -6.38 -8.53
C ASN D 184 10.68 -5.08 -8.98
N LYS D 185 10.19 -5.02 -10.21
CA LYS D 185 9.61 -3.77 -10.67
C LYS D 185 8.16 -3.72 -11.09
N LYS D 186 7.53 -4.87 -11.29
CA LYS D 186 6.14 -4.87 -11.76
C LYS D 186 5.11 -5.48 -10.84
N ARG D 187 5.45 -5.63 -9.56
CA ARG D 187 4.52 -6.18 -8.57
C ARG D 187 4.45 -5.18 -7.41
N LYS D 188 3.55 -4.21 -7.52
CA LYS D 188 3.43 -3.18 -6.50
C LYS D 188 2.40 -3.49 -5.43
N GLY D 189 2.57 -2.86 -4.27
CA GLY D 189 1.66 -3.08 -3.16
C GLY D 189 2.02 -2.23 -1.96
N GLY D 190 1.34 -2.48 -0.84
CA GLY D 190 1.62 -1.72 0.37
C GLY D 190 1.07 -0.31 0.33
N ILE D 191 1.18 0.38 1.46
CA ILE D 191 0.69 1.75 1.58
C ILE D 191 1.12 2.67 0.45
N GLY D 192 2.41 2.66 0.11
CA GLY D 192 2.87 3.52 -0.96
C GLY D 192 2.73 2.94 -2.35
N GLY D 193 2.28 1.69 -2.44
CA GLY D 193 2.14 1.04 -3.73
C GLY D 193 3.50 0.95 -4.42
N TYR D 194 4.54 0.64 -3.64
CA TYR D 194 5.89 0.53 -4.18
C TYR D 194 6.21 -0.86 -4.70
N SER D 195 7.29 -0.94 -5.49
CA SER D 195 7.76 -2.21 -6.02
C SER D 195 8.88 -2.63 -5.07
N ALA D 196 9.21 -3.91 -5.05
CA ALA D 196 10.28 -4.37 -4.18
C ALA D 196 11.55 -3.57 -4.51
N GLY D 197 11.77 -3.32 -5.79
CA GLY D 197 12.94 -2.56 -6.21
C GLY D 197 12.98 -1.19 -5.60
N GLU D 198 11.83 -0.53 -5.49
CA GLU D 198 11.75 0.80 -4.91
C GLU D 198 11.89 0.73 -3.39
N ARG D 199 11.35 -0.33 -2.78
CA ARG D 199 11.45 -0.48 -1.34
C ARG D 199 12.89 -0.67 -0.86
N ILE D 200 13.64 -1.57 -1.49
CA ILE D 200 15.00 -1.78 -1.02
C ILE D 200 15.84 -0.50 -1.09
N VAL D 201 15.72 0.24 -2.18
CA VAL D 201 16.47 1.48 -2.31
C VAL D 201 16.04 2.44 -1.20
N ASP D 202 14.74 2.64 -1.06
CA ASP D 202 14.22 3.53 -0.05
C ASP D 202 14.69 3.11 1.36
N ILE D 203 14.58 1.82 1.67
CA ILE D 203 14.99 1.32 2.98
C ILE D 203 16.46 1.61 3.25
N ILE D 204 17.30 1.30 2.28
CA ILE D 204 18.73 1.53 2.42
C ILE D 204 19.09 3.01 2.48
N ALA D 205 18.47 3.83 1.64
CA ALA D 205 18.73 5.27 1.64
C ALA D 205 18.38 5.84 3.01
N THR D 206 17.29 5.32 3.58
CA THR D 206 16.80 5.76 4.89
C THR D 206 17.78 5.40 6.00
N ASP D 207 18.48 4.28 5.84
CA ASP D 207 19.44 3.85 6.84
C ASP D 207 20.64 4.79 6.78
N ILE D 208 20.95 5.28 5.59
CA ILE D 208 22.05 6.21 5.40
C ILE D 208 21.72 7.54 6.08
N GLN D 209 20.44 7.88 6.14
CA GLN D 209 20.00 9.13 6.76
C GLN D 209 20.18 9.10 8.27
N THR D 210 19.99 7.94 8.87
CA THR D 210 20.12 7.79 10.32
C THR D 210 21.51 7.33 10.71
N LYS D 211 22.48 7.59 9.85
CA LYS D 211 23.86 7.20 10.10
C LYS D 211 24.83 8.39 10.13
ZN ZN E . -23.70 10.70 -25.33
K K F . -19.23 14.67 -21.11
P PO4 G . -40.25 16.02 14.94
O1 PO4 G . -41.21 17.15 14.78
O2 PO4 G . -39.04 16.51 15.65
O3 PO4 G . -40.88 14.94 15.74
O4 PO4 G . -39.87 15.50 13.60
ZN ZN H . -0.55 -12.25 -16.71
K K I . -6.98 -15.20 -14.48
P PO4 J . -11.27 -10.47 27.40
O1 PO4 J . -11.02 -9.22 28.16
O2 PO4 J . -10.10 -11.38 27.55
O3 PO4 J . -12.48 -11.14 27.93
O4 PO4 J . -11.48 -10.15 25.97
ZN ZN K . 20.58 30.39 2.78
K K L . 16.82 27.43 -2.57
P PO4 M . 40.48 -1.06 -23.69
O1 PO4 M . 39.67 -0.47 -22.60
O2 PO4 M . 39.60 -1.65 -24.73
O3 PO4 M . 41.32 0.01 -24.32
O4 PO4 M . 41.37 -2.11 -23.13
ZN ZN N . 1.68 7.96 18.72
K K O . 8.30 6.23 20.79
P PO4 P . 13.82 -26.91 -4.77
O1 PO4 P . 14.19 -26.86 -6.20
O2 PO4 P . 13.76 -25.53 -4.22
O3 PO4 P . 12.49 -27.56 -4.63
O4 PO4 P . 14.84 -27.69 -4.03
#